data_3IXX
#
_entry.id   3IXX
#
_cell.length_a   1
_cell.length_b   1
_cell.length_c   1
_cell.angle_alpha   90
_cell.angle_beta   90
_cell.angle_gamma   90
#
_symmetry.space_group_name_H-M   'P 1'
#
loop_
_entity.id
_entity.type
_entity.pdbx_description
1 polymer 'Envelope protein E'
2 polymer 'Peptide pr'
3 polymer 'E53 Fab Fragment (chain H)'
4 polymer 'E53 Fab Fragment (chain L)'
#
loop_
_entity_poly.entity_id
_entity_poly.type
_entity_poly.pdbx_seq_one_letter_code
_entity_poly.pdbx_strand_id
1 'polypeptide(L)'
;FNCLGMSNRDFLEGVSGATWVDLVLEGDSCVTIMSKDKPTIDVKMMNMEAANLAEVRSYCYLATVSDLSTKAACPTMGEA
HNDKRADPAFVCRQGVVDRGWGNGCGLFGKGSIDTCAKFACSTKAIGRTILKENIKYEVAIFVHGPTTVESHGNYSTQVG
ATQAGRFSITPAAPSYTLKLGEYGEVTVDCEPRSGIDTNAYYVMTVGTKTFLVHREWFMDLNLPWSSAGSTVWRNRETLM
EFEEPHATKQSVIALGSQEGALHQALAGAIPVEFSSNTVKLTSGHLKCRVKMEKLQLKGTTYGVCSKAFKFLGTPADTGH
GTVVLELQYTGTDGPCKVPISSVASLNDLTPVGRLVTVNPFVSVATANAKVLIELEPPFGDSYIVVGRGEQQINHHWHKS
;
A,B,C
2 'polypeptide(L)' LSNFQGKVMMTVNATDVTDVITIPTAAGKNLCIVRAMDVGYMCDDTITYECPVLSAGNDPEDIDCWCTKSAVYVRYGRCT D,E,F
3 'polypeptide(L)'
;EVKLVESGGGLVLPGGSLRLSCATSGFTFTDYYMTWVRQPPGKALEWLGFIGNKANDYTTEYSASVKGRFTISRDDSQSI
LYLQMSTLRAEDRATYYCATVYGNYPYFDVWGAGTTVAVSSAKTTPPSVYPLAPVCGGTTGSSVTLGCLVKGYFPEPVTL
TWNSGSLSSGVHTFPAVLQSGLYTLSSSVTVTSSTWPSQSITCNVAHPASSTKVDKKIEPR
;
G,I
4 'polypeptide(L)'
;QIVLTQSPAIMSASPGEKVTMTCSASSSVSYMHWYQQKSGTSPKIWIYESSKLASGVPVRFSGSGSGTSYSLTISSMEAE
DVATYYCQQWSSHPHPLTFGAGTKLELKRADAAPTVSIFPPSSEQLTSGGASVVCFLNNFYPKDINVKWKIDGSERQNGV
LNSWTDQDSKDSTYSMSSTLTLTKDEYERHNSYTCEATHKTSTSPIVKSFNRNEC
;
H,J
#
# COMPACT_ATOMS: atom_id res chain seq x y z
CA PHE A 1 32.65 15.78 65.38
CA ASN A 2 35.75 17.99 65.55
CA CYS A 3 37.49 19.99 62.83
CA LEU A 4 40.98 18.53 62.34
CA GLY A 5 41.45 16.89 58.96
CA MET A 6 38.31 18.27 57.34
CA SER A 7 38.59 20.34 54.16
CA ASN A 8 35.59 22.53 55.01
CA ARG A 9 37.10 24.18 58.05
CA ASP A 10 36.99 27.85 59.12
CA PHE A 11 38.93 29.43 62.00
CA LEU A 12 37.34 32.15 64.05
CA GLU A 13 38.19 34.72 66.65
CA GLY A 14 34.78 36.09 67.49
CA VAL A 15 35.43 39.70 68.37
CA SER A 16 37.72 41.70 70.63
CA GLY A 17 36.90 41.01 74.28
CA ALA A 18 33.93 38.96 73.10
CA THR A 19 32.56 36.14 75.25
CA TRP A 20 30.33 35.14 72.35
CA VAL A 21 30.56 34.84 68.57
CA ASP A 22 28.05 34.74 65.75
CA LEU A 23 28.55 31.91 63.33
CA VAL A 24 27.27 29.94 60.32
CA LEU A 25 27.32 26.14 60.04
CA GLU A 26 26.51 23.99 57.00
CA GLY A 27 26.35 20.34 55.95
CA ASP A 28 29.83 18.84 55.75
CA SER A 29 31.57 21.84 57.31
CA CYS A 30 33.26 22.56 60.65
CA VAL A 31 34.45 25.64 62.54
CA THR A 32 37.27 26.18 65.05
CA ILE A 33 36.79 29.11 67.42
CA MET A 34 39.48 30.86 69.44
CA SER A 35 39.08 33.26 72.33
CA LYS A 36 41.64 34.89 74.58
CA ASP A 37 42.32 32.99 77.79
CA LYS A 38 39.80 30.28 76.90
CA PRO A 39 39.89 26.82 75.38
CA THR A 40 39.52 26.45 71.63
CA ILE A 41 36.41 24.61 70.43
CA ASP A 42 34.95 23.27 67.22
CA VAL A 43 31.30 23.72 66.37
CA LYS A 44 30.13 21.39 63.62
CA MET A 45 26.82 20.45 62.09
CA MET A 46 26.54 16.73 61.89
CA ASN A 47 23.13 15.87 60.47
CA MET A 48 20.00 17.47 58.94
CA GLU A 49 16.81 15.37 59.14
CA ALA A 50 13.03 15.50 58.90
CA ALA A 51 11.81 13.40 61.83
CA ASN A 52 8.78 14.51 58.52
CA LEU A 53 7.37 14.52 54.99
CA ALA A 54 4.43 15.69 52.87
CA GLU A 55 2.16 13.04 51.46
CA VAL A 56 0.87 15.16 48.61
CA ARG A 57 -0.10 13.36 45.36
CA SER A 58 1.49 9.93 45.01
CA TYR A 59 1.43 8.29 41.55
CA CYS A 60 0.91 4.65 40.54
CA TYR A 61 2.92 2.35 38.29
CA LEU A 62 1.53 -1.18 38.18
CA ALA A 63 -2.27 -1.34 38.36
CA THR A 64 -4.57 -4.32 38.44
CA VAL A 65 -7.72 -4.55 36.38
CA SER A 66 -10.09 -6.92 38.19
CA ASP A 67 -13.77 -7.63 38.44
CA LEU A 68 -14.19 -7.09 34.73
CA SER A 69 -17.50 -7.44 32.95
CA THR A 70 -19.49 -5.96 30.13
CA LYS A 71 -23.08 -5.50 28.95
CA ALA A 72 -24.50 -4.57 25.58
CA ALA A 73 -27.36 -3.93 23.32
CA CYS A 74 -28.26 -4.63 19.72
CA PRO A 75 -29.01 -1.74 17.47
CA THR A 76 -32.45 -0.35 18.07
CA MET A 77 -31.77 -0.52 21.80
CA GLY A 78 -30.46 2.38 23.84
CA GLU A 79 -26.89 2.50 25.02
CA ALA A 80 -26.19 -0.46 27.24
CA HIS A 81 -25.37 1.23 30.54
CA ASN A 82 -23.19 -0.88 32.84
CA ASP A 83 -24.59 -2.04 36.16
CA LYS A 84 -21.33 -0.96 37.82
CA ARG A 85 -20.96 2.49 36.28
CA ALA A 86 -21.76 3.53 39.89
CA ASP A 87 -19.29 2.05 42.38
CA PRO A 88 -16.01 3.91 41.86
CA ALA A 89 -13.52 1.04 41.62
CA PHE A 90 -14.67 0.01 38.13
CA VAL A 91 -13.56 2.50 35.52
CA CYS A 92 -15.94 1.76 32.61
CA ARG A 93 -15.97 2.79 28.99
CA GLN A 94 -18.64 3.36 26.34
CA GLY A 95 -17.88 1.42 23.17
CA VAL A 96 -19.62 -0.15 20.17
CA VAL A 97 -19.53 -3.59 18.42
CA ASP A 98 -20.69 -5.23 15.18
CA ARG A 99 -23.97 -7.13 15.40
CA GLY A 100 -26.85 -9.04 13.89
CA TRP A 101 -28.80 -12.26 13.30
CA GLY A 102 -26.03 -14.51 14.42
CA ASN A 103 -25.46 -12.55 17.58
CA GLY A 104 -29.21 -12.64 18.07
CA CYS A 105 -30.16 -9.19 16.81
CA GLY A 106 -32.76 -9.00 14.08
CA LEU A 107 -30.85 -6.17 12.50
CA PHE A 108 -27.23 -6.14 11.33
CA GLY A 109 -25.84 -3.08 13.03
CA LYS A 110 -23.40 -1.62 15.54
CA GLY A 111 -24.52 -2.67 19.00
CA SER A 112 -23.88 -0.55 22.10
CA ILE A 113 -21.54 -2.16 24.61
CA ASP A 114 -20.43 -0.87 28.01
CA THR A 115 -17.48 -2.45 29.87
CA CYS A 116 -16.47 -1.76 33.48
CA ALA A 117 -13.42 -2.88 35.47
CA LYS A 118 -12.13 -2.43 39.05
CA PHE A 119 -8.88 -0.46 39.30
CA ALA A 120 -6.14 -1.48 41.72
CA CYS A 121 -2.61 -0.21 42.26
CA SER A 122 -0.02 -2.74 43.42
CA THR A 123 2.99 -0.55 43.99
CA LYS A 124 3.54 3.17 43.48
CA ALA A 125 5.47 6.47 43.77
CA ILE A 126 4.81 8.77 46.76
CA GLY A 127 5.63 12.46 46.26
CA ARG A 128 6.49 14.49 49.35
CA THR A 129 7.31 18.14 50.02
CA ILE A 130 9.26 20.07 52.67
CA LEU A 131 9.36 23.58 54.13
CA LYS A 132 11.02 25.85 56.72
CA GLU A 133 8.24 21.41 62.98
CA ASN A 134 9.80 18.10 61.90
CA ILE A 135 13.18 19.72 61.21
CA LYS A 136 15.81 18.81 63.79
CA TYR A 137 19.49 19.68 63.70
CA GLU A 138 22.43 17.74 65.12
CA VAL A 139 25.36 19.88 66.22
CA ALA A 140 28.55 18.44 67.67
CA ILE A 141 30.92 20.44 69.87
CA PHE A 142 34.55 19.56 70.52
CA VAL A 143 37.03 21.04 73.03
CA HIS A 144 40.72 21.39 72.14
CA GLY A 145 41.75 19.98 75.45
CA PRO A 146 44.59 17.43 75.69
CA THR A 147 44.70 14.87 72.90
CA THR A 148 46.94 12.62 70.82
CA VAL A 149 47.00 11.80 67.15
CA GLU A 150 45.07 8.76 68.34
CA SER A 151 42.32 10.04 70.63
CA HIS A 152 41.75 13.19 68.62
CA GLY A 153 39.17 11.60 66.36
CA ASN A 154 37.63 9.07 68.74
CA TYR A 155 34.26 10.46 69.71
CA SER A 156 34.09 7.97 72.57
CA THR A 157 37.38 8.80 74.22
CA GLN A 158 36.58 12.49 73.89
CA VAL A 159 33.11 12.26 75.41
CA GLY A 160 34.70 10.21 78.16
CA ALA A 161 37.28 12.94 78.61
CA THR A 162 34.35 15.41 78.64
CA GLN A 163 35.97 17.16 75.71
CA ALA A 164 33.14 16.58 73.27
CA GLY A 165 29.38 16.45 72.91
CA ARG A 166 26.62 15.97 70.40
CA PHE A 167 23.24 17.61 70.98
CA SER A 168 20.29 18.46 68.74
CA ILE A 169 18.58 21.75 67.85
CA THR A 170 14.94 22.16 67.02
CA PRO A 171 12.59 25.01 66.11
CA ALA A 172 10.93 24.06 69.39
CA ALA A 173 14.09 24.73 71.44
CA PRO A 174 16.69 26.40 69.12
CA SER A 175 19.31 26.60 71.85
CA TYR A 176 21.26 24.47 74.33
CA THR A 177 23.87 24.73 77.03
CA LEU A 178 26.36 21.92 76.61
CA LYS A 179 28.31 21.34 79.81
CA LEU A 180 31.93 20.22 79.52
CA GLY A 181 32.99 19.46 83.05
CA GLU A 182 35.68 21.68 84.55
CA TYR A 183 35.77 23.47 81.18
CA GLY A 184 32.51 25.09 82.17
CA GLU A 185 30.06 25.03 79.30
CA VAL A 186 29.14 26.42 75.90
CA THR A 187 25.61 27.52 75.06
CA VAL A 188 24.61 27.80 71.44
CA ASP A 189 21.43 29.55 70.24
CA CYS A 190 21.40 28.34 66.67
CA GLU A 191 18.51 29.79 64.77
CA PRO A 192 16.89 27.04 62.63
CA ARG A 193 16.42 29.74 60.02
CA SER A 194 18.17 28.74 56.82
CA GLY A 195 18.24 29.19 53.08
CA ILE A 196 16.51 26.07 51.76
CA ASP A 197 13.64 25.33 47.62
CA THR A 198 11.17 27.34 49.61
CA ASN A 199 8.23 25.77 47.71
CA ALA A 200 9.49 24.21 44.43
CA TYR A 201 11.15 20.81 43.88
CA TYR A 202 9.76 17.62 45.45
CA VAL A 203 10.94 14.19 46.60
CA MET A 204 10.19 10.92 44.78
CA THR A 205 10.58 7.27 45.78
CA VAL A 206 10.04 5.26 42.59
CA GLY A 207 10.77 1.59 43.17
CA THR A 208 12.95 1.90 46.25
CA LYS A 209 15.43 4.48 45.05
CA THR A 210 14.62 8.01 46.24
CA PHE A 211 14.73 11.04 43.95
CA LEU A 212 14.46 14.80 43.68
CA VAL A 213 12.26 15.55 40.75
CA HIS A 214 11.57 19.01 39.45
CA ARG A 215 8.66 21.14 40.61
CA GLU A 216 6.40 20.68 37.62
CA TRP A 217 8.01 17.45 36.43
CA PHE A 218 5.64 16.03 39.03
CA MET A 219 2.16 17.54 39.28
CA ASP A 220 2.46 17.32 35.51
CA LEU A 221 3.24 13.61 34.99
CA ASN A 222 0.71 11.38 33.21
CA LEU A 223 -0.31 8.55 35.57
CA PRO A 224 -2.77 7.58 38.31
CA TRP A 225 -2.57 9.46 41.62
CA SER A 226 -4.14 9.48 45.06
CA SER A 227 -3.94 13.14 46.11
CA ALA A 228 -4.11 14.33 49.76
CA GLY A 229 -5.08 11.47 52.04
CA SER A 230 -7.63 9.97 49.66
CA THR A 231 -8.18 6.64 47.99
CA VAL A 232 -9.66 7.74 44.68
CA TRP A 233 -7.06 7.61 41.96
CA ARG A 234 -7.69 9.40 38.66
CA ASN A 235 -6.20 9.34 35.16
CA ARG A 236 -6.48 5.56 35.56
CA GLU A 237 -7.44 5.00 31.93
CA THR A 238 -3.73 5.40 31.19
CA LEU A 239 -2.49 2.17 32.73
CA MET A 240 -4.99 -0.40 31.50
CA GLU A 241 -5.48 -1.44 27.88
CA PHE A 242 -8.85 -1.87 26.21
CA GLU A 243 -8.25 -4.53 23.54
CA GLU A 244 -10.73 -4.83 20.64
CA PRO A 245 -14.39 -5.64 21.47
CA HIS A 246 -15.27 -9.26 20.63
CA ALA A 247 -19.09 -8.98 20.22
CA THR A 248 -19.91 -9.14 23.94
CA LYS A 249 -16.77 -9.60 26.05
CA GLN A 250 -13.87 -7.18 25.58
CA SER A 251 -10.51 -8.22 27.01
CA VAL A 252 -8.98 -5.51 29.16
CA ILE A 253 -5.34 -5.99 30.27
CA ALA A 254 -3.25 -3.71 32.48
CA LEU A 255 -0.01 -2.00 31.38
CA GLY A 256 3.01 -3.89 32.72
CA SER A 257 4.70 -1.32 34.94
CA GLN A 258 5.33 1.84 32.90
CA GLU A 259 7.96 2.17 35.68
CA GLY A 260 10.93 1.08 33.58
CA ALA A 261 9.74 4.18 31.71
CA LEU A 262 10.27 6.10 34.93
CA HIS A 263 13.70 4.76 35.76
CA GLN A 264 14.62 5.64 32.15
CA ALA A 265 13.95 9.38 32.17
CA LEU A 266 14.69 10.15 35.83
CA ALA A 267 18.41 10.77 35.38
CA GLY A 268 17.23 14.36 35.16
CA ALA A 269 17.17 14.11 38.95
CA ILE A 270 19.63 13.74 41.81
CA PRO A 271 19.16 10.75 44.16
CA VAL A 272 19.18 11.09 47.98
CA GLU A 273 18.04 8.58 50.62
CA PHE A 274 14.53 8.53 52.06
CA SER A 275 15.99 6.54 54.97
CA SER A 276 12.40 6.56 56.30
CA ASN A 277 11.06 10.11 56.84
CA THR A 278 14.70 11.22 57.21
CA VAL A 279 16.57 12.30 54.06
CA LYS A 280 19.88 14.14 53.37
CA LEU A 281 17.95 16.80 54.25
CA THR A 282 21.13 17.64 52.36
CA SER A 283 20.73 21.34 51.54
CA GLY A 284 20.58 23.71 54.52
CA HIS A 285 22.45 26.07 56.85
CA LEU A 286 22.22 27.38 60.41
CA LYS A 287 23.01 30.76 61.93
CA CYS A 288 24.26 30.36 65.47
CA ARG A 289 25.58 32.49 68.29
CA VAL A 290 28.18 30.59 70.29
CA LYS A 291 27.85 32.35 73.63
CA MET A 292 30.68 31.14 75.81
CA GLU A 293 31.33 33.35 78.80
CA LYS A 294 30.81 30.06 80.60
CA LEU A 295 33.61 28.33 78.68
CA GLN A 296 36.66 28.11 80.92
CA LEU A 297 40.28 26.94 81.01
CA LYS A 298 41.54 24.07 83.09
CA GLY A 299 44.89 22.95 84.50
CA THR A 300 45.99 26.57 84.83
CA THR A 301 47.37 26.13 88.34
CA TYR A 302 49.97 23.60 87.20
CA GLY A 303 53.66 24.21 86.67
CA VAL A 304 55.55 24.14 83.37
CA CYS A 305 56.78 20.80 82.04
CA SER A 306 60.47 20.56 82.80
CA LYS A 307 61.93 17.47 81.18
CA ALA A 308 62.88 16.60 77.62
CA PHE A 309 60.40 16.71 74.74
CA LYS A 310 60.84 14.76 71.51
CA PHE A 311 59.07 15.16 68.17
CA LEU A 312 57.37 12.01 66.85
CA GLY A 313 57.58 13.04 63.21
CA THR A 314 57.61 15.83 60.65
CA PRO A 315 54.76 18.24 61.37
CA ALA A 316 52.01 18.06 58.74
CA ASP A 317 50.20 20.72 56.71
CA THR A 318 46.45 20.87 57.40
CA GLY A 319 46.00 22.82 54.21
CA HIS A 320 44.67 25.63 56.38
CA GLY A 321 47.81 27.57 57.17
CA THR A 322 48.33 25.52 60.31
CA VAL A 323 50.30 22.40 60.97
CA VAL A 324 49.83 19.41 63.23
CA LEU A 325 52.34 17.34 65.14
CA GLU A 326 52.62 14.98 68.06
CA LEU A 327 55.04 15.21 70.97
CA GLN A 328 56.23 12.60 73.46
CA TYR A 329 57.25 13.55 76.98
CA THR A 330 60.33 11.98 78.55
CA GLY A 331 59.06 13.67 81.70
CA THR A 332 58.19 11.50 84.67
CA ASP A 333 56.31 14.30 86.43
CA GLY A 334 52.55 14.59 86.16
CA PRO A 335 50.17 17.07 84.42
CA CYS A 336 52.34 20.07 83.55
CA LYS A 337 52.01 22.74 80.83
CA VAL A 338 53.77 21.99 77.52
CA PRO A 339 56.33 24.72 76.70
CA ILE A 340 55.74 24.97 72.96
CA SER A 341 55.80 28.06 70.83
CA SER A 342 56.71 29.24 67.36
CA VAL A 343 59.86 31.31 67.12
CA ALA A 344 60.98 33.37 64.11
CA SER A 345 64.66 32.49 64.69
CA LEU A 346 66.43 30.30 67.18
CA ASN A 347 66.59 31.77 70.68
CA ASP A 348 64.32 34.79 70.07
CA LEU A 349 62.51 36.00 73.16
CA THR A 350 59.04 36.75 71.82
CA PRO A 351 56.80 34.10 70.11
CA VAL A 352 55.18 34.62 66.71
CA GLY A 353 53.15 31.52 66.09
CA ARG A 354 49.68 31.37 67.62
CA LEU A 355 48.67 27.97 68.93
CA VAL A 356 45.34 26.53 67.86
CA THR A 357 45.69 24.02 70.72
CA VAL A 358 45.92 26.78 73.29
CA ASN A 359 47.25 26.08 76.79
CA PRO A 360 48.52 22.58 75.92
CA PHE A 361 49.61 20.16 78.63
CA VAL A 362 50.57 16.58 79.41
CA SER A 363 47.31 15.04 80.55
CA VAL A 364 48.79 12.19 82.60
CA ALA A 365 51.61 11.77 85.14
CA THR A 366 52.56 8.54 83.37
CA ALA A 367 55.88 9.42 81.72
CA ASN A 368 56.23 9.28 77.89
CA ALA A 369 52.71 10.55 77.18
CA LYS A 370 51.80 11.86 73.74
CA VAL A 371 50.54 15.34 72.96
CA LEU A 372 48.84 16.44 69.77
CA ILE A 373 49.31 20.03 68.67
CA GLU A 374 47.95 22.19 65.93
CA LEU A 375 49.43 25.61 65.45
CA GLU A 376 49.60 28.29 62.78
CA PRO A 377 53.15 29.26 62.06
CA PRO A 378 54.14 32.61 60.52
CA PHE A 379 54.64 32.81 56.76
CA GLY A 380 58.07 32.01 55.42
CA ASP A 381 60.54 30.12 57.57
CA SER A 382 60.08 29.78 61.31
CA TYR A 383 60.91 27.42 64.15
CA ILE A 384 58.65 25.32 66.35
CA VAL A 385 60.23 24.84 69.75
CA VAL A 386 59.48 22.87 72.89
CA GLY A 387 61.12 23.32 76.29
CA ARG A 388 63.92 25.85 76.78
CA GLY A 389 67.67 26.14 77.09
CA GLU A 390 69.47 22.86 76.76
CA GLN A 391 66.34 20.79 77.16
CA GLN A 392 64.69 22.64 74.28
CA ILE A 393 64.32 20.97 70.90
CA ASN A 394 63.21 22.55 67.66
CA HIS A 395 62.09 21.88 64.16
CA HIS A 396 62.06 24.38 61.32
CA TRP A 397 59.13 25.20 59.04
CA HIS A 398 58.35 27.41 56.06
CA LYS A 399 54.82 28.60 55.28
CA SER A 400 53.86 30.07 51.87
CA PHE B 1 -31.32 45.14 -1.70
CA ASN B 2 -31.75 48.44 0.12
CA CYS B 3 -29.77 49.94 3.00
CA LEU B 4 -32.11 50.26 5.99
CA GLY B 5 -31.17 47.97 8.86
CA MET B 6 -27.73 47.03 7.60
CA SER B 7 -24.68 47.72 9.76
CA ASN B 8 -22.39 48.35 6.77
CA ARG B 9 -24.13 51.46 5.55
CA ASP B 10 -22.63 54.75 4.29
CA PHE B 11 -24.53 57.95 3.48
CA LEU B 12 -23.42 60.11 0.60
CA GLU B 13 -24.01 63.49 -0.90
CA GLY B 14 -21.97 63.26 -4.07
CA VAL B 15 -20.79 66.80 -4.65
CA SER B 16 -22.23 70.29 -4.83
CA GLY B 17 -24.51 70.62 -7.86
CA ALA B 18 -23.41 67.13 -8.90
CA THR B 19 -25.69 64.96 -11.04
CA TRP B 20 -23.29 62.09 -10.49
CA VAL B 21 -21.20 60.61 -7.66
CA ASP B 22 -18.19 58.36 -7.49
CA LEU B 23 -18.55 55.46 -5.12
CA VAL B 24 -17.13 52.23 -3.70
CA LEU B 25 -19.20 49.08 -3.02
CA GLU B 26 -18.10 45.90 -1.23
CA GLY B 27 -19.46 42.51 -0.19
CA ASP B 28 -22.01 42.88 2.61
CA SER B 29 -22.16 46.69 2.41
CA CYS B 30 -24.73 49.24 1.21
CA VAL B 31 -24.75 52.95 0.37
CA THR B 32 -27.47 55.60 0.58
CA ILE B 33 -27.01 58.58 -1.76
CA MET B 34 -28.67 61.97 -1.46
CA SER B 35 -28.90 64.71 -4.04
CA LYS B 36 -30.69 68.05 -3.98
CA ASP B 37 -34.17 67.95 -5.49
CA LYS B 38 -33.87 64.27 -6.33
CA PRO B 39 -34.97 60.98 -4.80
CA THR B 40 -32.62 59.20 -2.42
CA ILE B 41 -31.32 55.81 -3.58
CA ASP B 42 -29.32 52.91 -2.24
CA VAL B 43 -26.63 51.25 -4.29
CA LYS B 44 -25.66 47.85 -2.94
CA MET B 45 -23.52 44.97 -4.12
CA MET B 46 -25.40 41.77 -3.73
CA ASN B 47 -23.24 38.95 -5.08
CA MET B 48 -19.73 38.21 -6.44
CA GLU B 49 -19.41 35.06 -8.58
CA ALA B 50 -17.23 33.29 -11.13
CA ALA B 51 -19.67 32.04 -13.76
CA ASN B 52 -17.19 30.03 -18.91
CA LEU B 53 -14.76 27.51 -17.40
CA ALA B 54 -12.58 24.91 -19.07
CA GLU B 55 -11.39 21.42 -18.09
CA VAL B 56 -7.70 20.67 -17.56
CA ARG B 57 -7.25 17.09 -16.29
CA SER B 58 -9.34 14.05 -15.33
CA TYR B 59 -8.28 11.38 -12.84
CA CYS B 60 -10.34 8.19 -12.79
CA TYR B 61 -11.46 5.54 -10.36
CA LEU B 62 -12.11 2.49 -12.47
CA ALA B 63 -13.97 -0.54 -13.81
CA THR B 64 -13.00 -2.38 -17.04
CA VAL B 65 -10.34 -4.86 -15.91
CA SER B 66 -12.30 -7.73 -17.43
CA ASP B 67 -10.75 -8.92 -20.70
CA LEU B 68 -7.46 -10.80 -20.53
CA SER B 69 -4.58 -11.95 -22.75
CA THR B 70 -1.38 -13.97 -22.32
CA LYS B 71 0.95 -14.19 -25.34
CA ALA B 72 3.27 -17.06 -24.48
CA ALA B 73 6.87 -17.55 -25.61
CA CYS B 74 9.00 -20.62 -24.93
CA PRO B 75 12.54 -20.34 -23.46
CA THR B 76 15.17 -19.09 -25.91
CA MET B 77 12.31 -18.31 -28.33
CA GLY B 78 12.72 -14.65 -27.39
CA GLU B 79 10.09 -12.19 -26.23
CA ALA B 80 6.31 -12.39 -26.57
CA HIS B 81 4.29 -9.89 -28.60
CA ASN B 82 0.57 -9.70 -27.84
CA ASP B 83 -1.58 -8.55 -30.74
CA LYS B 84 -3.44 -6.50 -28.14
CA ARG B 85 -0.48 -4.15 -28.38
CA ALA B 86 -1.54 -2.46 -31.64
CA ASP B 87 -4.31 -0.39 -30.06
CA PRO B 88 -4.77 1.01 -26.51
CA ALA B 89 -7.59 -1.53 -26.46
CA PHE B 90 -5.58 -3.06 -23.62
CA VAL B 91 -2.58 -2.37 -21.37
CA CYS B 92 0.22 -4.90 -21.81
CA ARG B 93 3.18 -5.83 -19.60
CA GLN B 94 5.85 -8.48 -20.06
CA GLY B 95 7.18 -11.03 -17.60
CA VAL B 96 8.87 -14.44 -17.55
CA VAL B 97 7.78 -17.87 -16.32
CA ASP B 98 9.82 -20.82 -15.16
CA ARG B 99 8.83 -23.73 -17.37
CA GLY B 100 9.67 -26.48 -19.83
CA TRP B 101 8.54 -30.06 -20.46
CA GLY B 102 6.18 -29.95 -17.53
CA ASN B 103 4.09 -27.46 -19.47
CA GLY B 104 4.52 -28.09 -23.18
CA CYS B 105 7.87 -26.44 -23.72
CA GLY B 106 10.94 -28.19 -25.12
CA LEU B 107 13.76 -26.73 -22.99
CA PHE B 108 13.80 -25.69 -19.30
CA GLY B 109 14.09 -22.14 -18.08
CA LYS B 110 12.57 -18.67 -18.31
CA GLY B 111 10.05 -18.08 -21.06
CA SER B 112 8.70 -14.73 -22.25
CA ILE B 113 5.22 -13.49 -21.35
CA ASP B 114 3.28 -10.40 -22.52
CA THR B 115 -0.32 -10.18 -21.28
CA CYS B 116 -2.89 -7.40 -21.65
CA ALA B 117 -5.98 -6.01 -19.87
CA LYS B 118 -8.55 -3.49 -21.16
CA PHE B 119 -9.03 0.14 -20.18
CA ALA B 120 -11.95 2.59 -20.16
CA CYS B 121 -13.07 4.97 -17.39
CA SER B 122 -15.95 5.05 -14.91
CA THR B 123 -15.97 7.86 -12.33
CA LYS B 124 -13.81 10.74 -13.63
CA ALA B 125 -12.66 13.00 -10.77
CA ILE B 126 -12.72 15.92 -13.24
CA GLY B 127 -11.05 19.28 -12.62
CA ARG B 128 -10.85 22.66 -14.38
CA THR B 129 -9.36 26.19 -14.48
CA ILE B 130 -10.49 29.71 -13.61
CA LEU B 131 -9.15 32.41 -15.93
CA LYS B 132 -9.08 35.78 -14.19
CA GLU B 133 -13.91 37.20 -18.04
CA ASN B 134 -15.95 34.90 -15.80
CA ILE B 135 -16.33 37.57 -13.12
CA LYS B 136 -19.84 38.99 -12.92
CA TYR B 137 -21.18 41.41 -10.35
CA GLU B 138 -24.72 41.75 -9.01
CA VAL B 139 -25.70 45.25 -7.95
CA ALA B 140 -29.08 46.13 -6.51
CA ILE B 141 -30.54 49.64 -6.60
CA PHE B 142 -33.34 50.88 -4.36
CA VAL B 143 -35.35 54.14 -4.52
CA HIS B 144 -36.50 55.88 -1.33
CA GLY B 145 -39.94 56.38 -2.72
CA PRO B 146 -43.04 55.76 -0.57
CA THR B 147 -42.83 52.78 1.75
CA THR B 148 -43.96 51.30 5.06
CA VAL B 149 -42.16 49.39 7.74
CA GLU B 150 -43.67 46.43 5.91
CA SER B 151 -42.95 46.95 2.21
CA HIS B 152 -39.56 48.51 2.83
CA GLY B 153 -37.72 45.21 2.75
CA ASN B 154 -39.89 43.28 0.32
CA TYR B 155 -37.95 43.13 -2.92
CA SER B 156 -41.10 42.04 -4.73
CA THR B 157 -43.37 44.85 -3.64
CA GLN B 158 -40.60 47.32 -4.42
CA VAL B 159 -39.90 46.02 -7.91
CA GLY B 160 -43.65 46.08 -8.44
CA ALA B 161 -43.68 49.68 -7.24
CA THR B 162 -40.76 50.28 -9.65
CA GLN B 163 -38.74 51.44 -6.68
CA ALA B 164 -36.07 48.77 -6.92
CA GLY B 165 -33.98 46.75 -9.32
CA ARG B 166 -31.24 44.16 -9.49
CA PHE B 167 -28.91 44.07 -12.49
CA SER B 168 -25.47 42.58 -13.14
CA ILE B 169 -22.12 44.10 -14.12
CA THR B 170 -19.48 42.40 -16.18
CA PRO B 171 -16.04 43.27 -17.56
CA ALA B 172 -17.79 42.87 -20.91
CA ALA B 173 -20.34 45.62 -20.16
CA PRO B 174 -19.27 47.40 -16.89
CA SER B 175 -22.22 49.77 -16.95
CA TYR B 176 -26.02 49.84 -17.04
CA THR B 177 -28.92 52.24 -17.07
CA LEU B 178 -31.58 51.01 -14.69
CA LYS B 179 -34.93 52.59 -15.46
CA LEU B 180 -37.27 53.32 -12.55
CA GLY B 181 -40.49 54.44 -14.15
CA GLU B 182 -41.53 58.04 -13.54
CA TYR B 183 -38.42 58.35 -11.35
CA GLY B 184 -36.42 58.44 -14.55
CA GLU B 185 -33.37 56.22 -14.30
CA VAL B 186 -29.95 55.72 -12.75
CA THR B 187 -26.97 54.64 -14.81
CA VAL B 188 -24.01 53.12 -13.04
CA ASP B 189 -20.58 52.59 -14.69
CA CYS B 190 -19.04 50.35 -12.09
CA GLU B 191 -15.49 49.49 -12.99
CA PRO B 192 -14.90 45.73 -12.34
CA ARG B 193 -11.45 46.77 -11.18
CA SER B 194 -10.92 45.68 -7.59
CA GLY B 195 -8.33 44.77 -5.01
CA ILE B 196 -8.41 40.98 -4.95
CA ASP B 197 -6.98 33.87 -3.76
CA THR B 198 -5.16 33.85 -7.07
CA ASN B 199 -6.49 31.70 -9.89
CA ALA B 200 -3.44 29.59 -9.04
CA TYR B 201 -5.74 27.04 -7.40
CA TYR B 202 -7.36 24.39 -9.62
CA VAL B 203 -11.05 23.49 -9.77
CA MET B 204 -11.46 20.01 -8.26
CA THR B 205 -14.69 18.16 -9.07
CA VAL B 206 -15.54 14.90 -7.31
CA GLY B 207 -18.87 13.25 -8.00
CA THR B 208 -21.07 15.84 -6.33
CA LYS B 209 -18.79 17.65 -3.87
CA THR B 210 -16.76 20.26 -5.75
CA PHE B 211 -13.57 21.61 -4.16
CA LEU B 212 -10.74 24.02 -4.81
CA VAL B 213 -7.34 22.29 -4.82
CA HIS B 214 -3.71 23.39 -5.28
CA ARG B 215 -2.48 23.12 -8.89
CA GLU B 216 0.21 20.68 -7.83
CA TRP B 217 -1.42 18.45 -5.19
CA PHE B 218 -3.81 17.86 -8.06
CA MET B 219 -1.59 17.75 -11.16
CA ASP B 220 1.12 15.94 -9.22
CA LEU B 221 -1.00 13.06 -7.95
CA ASN B 222 -0.99 9.34 -8.79
CA LEU B 223 -4.05 8.21 -10.74
CA PRO B 224 -5.02 7.50 -14.36
CA TRP B 225 -5.86 10.69 -16.25
CA SER B 226 -7.01 12.32 -19.47
CA SER B 227 -7.02 15.92 -20.68
CA ALA B 228 -9.87 16.66 -23.12
CA GLY B 229 -9.81 13.36 -25.02
CA SER B 230 -11.29 9.86 -24.72
CA THR B 231 -7.66 8.75 -24.63
CA VAL B 232 -6.29 7.85 -21.20
CA TRP B 233 -2.63 7.73 -20.08
CA ARG B 234 -0.88 6.29 -17.00
CA ASN B 235 -3.69 3.75 -16.64
CA ARG B 236 -1.02 1.74 -14.87
CA GLU B 237 -3.35 1.99 -11.89
CA THR B 238 -4.88 -1.14 -13.39
CA LEU B 239 -2.34 -2.67 -11.01
CA MET B 240 -1.84 -5.79 -8.91
CA GLU B 241 -1.91 -8.00 -12.00
CA PHE B 242 1.51 -9.59 -11.91
CA GLU B 243 0.69 -12.66 -9.84
CA GLU B 244 3.74 -13.64 -11.95
CA PRO B 245 1.51 -16.32 -13.59
CA HIS B 246 1.51 -19.16 -16.08
CA ALA B 247 1.02 -18.76 -19.85
CA THR B 248 -2.64 -19.73 -19.34
CA LYS B 249 -3.96 -16.85 -17.22
CA GLN B 250 -2.47 -13.80 -15.55
CA SER B 251 -4.89 -12.68 -12.86
CA VAL B 252 -5.78 -9.09 -13.66
CA ILE B 253 -7.36 -7.99 -10.38
CA ALA B 254 -9.10 -4.64 -10.70
CA LEU B 255 -7.34 -2.42 -8.18
CA GLY B 256 -9.60 -1.76 -5.23
CA SER B 257 -11.13 1.71 -5.52
CA GLN B 258 -10.50 3.48 -2.20
CA GLU B 259 -12.07 6.97 -2.19
CA GLY B 260 -10.03 7.48 0.97
CA ALA B 261 -7.06 8.61 -1.13
CA LEU B 262 -9.19 11.57 -2.16
CA HIS B 263 -11.32 12.16 0.90
CA GLN B 264 -8.24 12.09 3.15
CA ALA B 265 -7.00 15.26 1.44
CA LEU B 266 -10.36 16.96 2.02
CA ALA B 267 -9.73 19.79 4.51
CA GLY B 268 -6.68 20.95 2.58
CA ALA B 269 -8.71 22.13 -0.40
CA ILE B 270 -11.58 24.53 0.23
CA PRO B 271 -15.08 23.27 -0.71
CA VAL B 272 -17.22 25.19 -3.21
CA GLU B 273 -20.68 24.89 -4.74
CA PHE B 274 -20.43 24.28 -8.47
CA SER B 275 -23.19 23.91 -11.06
CA SER B 276 -22.35 22.32 -14.43
CA ASN B 277 -21.01 25.67 -15.74
CA THR B 278 -20.67 27.87 -12.66
CA VAL B 279 -18.40 28.41 -9.68
CA LYS B 280 -19.73 30.76 -7.03
CA LEU B 281 -16.10 35.06 -4.55
CA THR B 282 -16.07 36.59 -1.08
CA SER B 283 -13.20 39.10 -1.23
CA GLY B 284 -13.63 41.97 -3.69
CA HIS B 285 -14.70 45.58 -4.26
CA LEU B 286 -16.07 47.78 -7.06
CA LYS B 287 -15.49 51.41 -7.94
CA CYS B 288 -18.58 52.92 -9.47
CA ARG B 289 -19.80 56.26 -10.73
CA VAL B 290 -23.50 56.67 -10.05
CA LYS B 291 -24.43 59.09 -12.81
CA MET B 292 -27.97 60.23 -12.17
CA GLU B 293 -28.90 63.37 -14.03
CA LYS B 294 -31.68 61.10 -15.27
CA LEU B 295 -32.92 60.36 -11.74
CA GLN B 296 -36.03 62.43 -11.10
CA LEU B 297 -38.63 63.23 -8.45
CA LYS B 298 -42.27 62.26 -8.65
CA GLY B 299 -45.54 63.44 -7.12
CA THR B 300 -44.22 67.00 -7.00
CA THR B 301 -47.40 68.54 -8.40
CA TYR B 302 -49.49 67.33 -5.46
CA GLY B 303 -50.71 69.40 -2.54
CA VAL B 304 -49.65 69.08 1.10
CA CYS B 305 -51.39 66.51 3.29
CA SER B 306 -53.92 68.35 5.42
CA LYS B 307 -55.45 65.98 7.95
CA ALA B 308 -54.19 64.48 11.20
CA PHE B 309 -51.03 62.39 11.42
CA LYS B 310 -50.35 59.90 14.19
CA PHE B 311 -47.10 58.20 15.20
CA LEU B 312 -47.22 54.39 15.29
CA GLY B 313 -44.42 54.05 17.84
CA THR B 314 -41.22 55.42 19.30
CA PRO B 315 -38.81 56.25 16.49
CA ALA B 316 -35.83 53.87 16.38
CA ASP B 317 -32.07 54.45 16.19
CA THR B 318 -30.48 53.02 13.04
CA GLY B 319 -27.10 53.26 14.70
CA HIS B 320 -26.16 55.66 11.91
CA GLY B 321 -27.16 59.00 13.36
CA THR B 322 -30.59 58.69 11.80
CA VAL B 323 -33.83 57.34 13.11
CA VAL B 324 -36.74 55.50 11.57
CA LEU B 325 -40.44 55.69 12.27
CA GLU B 326 -43.80 54.95 10.73
CA LEU B 327 -46.74 57.29 10.40
CA GLN B 328 -50.45 56.64 9.83
CA TYR B 329 -52.64 59.12 8.00
CA THR B 330 -56.14 59.87 9.29
CA GLY B 331 -56.48 61.72 5.99
CA THR B 332 -59.15 60.61 3.58
CA ASP B 333 -57.67 62.59 0.70
CA GLY B 334 -55.38 60.94 -1.82
CA PRO B 335 -51.63 61.18 -2.60
CA CYS B 336 -50.45 64.34 -0.82
CA LYS B 337 -47.03 65.37 0.50
CA VAL B 338 -46.29 64.46 4.15
CA PRO B 339 -45.52 67.59 6.21
CA ILE B 340 -42.71 66.21 8.35
CA SER B 341 -39.61 67.98 9.51
CA SER B 342 -37.22 68.15 12.42
CA VAL B 343 -37.49 71.24 14.58
CA ALA B 344 -34.99 72.37 17.21
CA SER B 345 -37.76 73.63 19.53
CA LEU B 346 -41.52 73.57 19.31
CA ASN B 347 -42.95 76.06 16.83
CA ASP B 348 -39.65 77.20 15.28
CA LEU B 349 -39.96 78.39 11.71
CA THR B 350 -36.88 76.87 10.09
CA PRO B 351 -36.18 73.07 10.00
CA VAL B 352 -32.90 71.53 11.14
CA GLY B 353 -33.25 67.85 10.50
CA ARG B 354 -32.50 66.61 6.98
CA LEU B 355 -34.78 63.83 5.76
CA VAL B 356 -33.23 60.71 4.32
CA THR B 357 -36.65 59.85 2.88
CA VAL B 358 -36.79 63.09 0.93
CA ASN B 359 -40.08 64.39 -0.46
CA PRO B 360 -42.23 61.88 1.46
CA PHE B 361 -45.89 61.38 0.64
CA VAL B 362 -48.96 59.22 1.20
CA SER B 363 -48.88 56.83 -1.71
CA VAL B 364 -52.59 55.96 -1.75
CA ALA B 365 -55.89 57.85 -1.45
CA THR B 366 -57.14 55.08 0.83
CA ALA B 367 -57.30 56.78 4.24
CA ASN B 368 -55.16 55.51 7.15
CA ALA B 369 -52.16 54.61 4.99
CA LYS B 370 -48.76 54.03 6.58
CA VAL B 371 -45.60 55.96 5.81
CA LEU B 372 -42.07 54.92 6.68
CA ILE B 373 -39.55 57.65 7.35
CA GLU B 374 -35.86 57.79 8.03
CA LEU B 375 -34.35 61.09 8.99
CA GLU B 376 -31.20 62.39 10.65
CA PRO B 377 -32.02 64.61 13.57
CA PRO B 378 -29.63 67.25 14.94
CA PHE B 379 -27.40 66.34 17.86
CA GLY B 380 -28.79 66.86 21.34
CA ASP B 381 -32.52 67.26 21.83
CA SER B 382 -34.84 68.09 18.95
CA TYR B 383 -38.42 67.56 17.85
CA ILE B 384 -39.85 65.57 14.97
CA VAL B 385 -43.10 67.11 13.78
CA VAL B 386 -45.83 66.27 11.32
CA GLY B 387 -48.54 68.60 10.06
CA ARG B 388 -48.84 72.14 11.42
CA GLY B 389 -50.81 74.28 13.83
CA GLU B 390 -53.43 72.38 15.74
CA GLN B 391 -53.27 69.34 13.48
CA GLN B 392 -49.54 69.04 14.08
CA ILE B 393 -48.17 66.35 16.36
CA ASN B 394 -44.64 65.96 17.62
CA HIS B 395 -42.25 63.65 19.33
CA HIS B 396 -38.98 64.67 20.99
CA TRP B 397 -35.56 63.14 20.39
CA HIS B 398 -32.00 63.51 21.64
CA LYS B 399 -28.99 62.51 19.52
CA SER B 400 -25.51 62.03 21.02
CA PHE C 1 65.68 -1.89 -8.51
CA ASN C 2 68.33 0.68 -9.36
CA CYS C 3 68.04 4.44 -9.87
CA LEU C 4 68.96 5.23 -13.48
CA GLY C 5 66.02 6.52 -15.50
CA MET C 6 63.70 7.19 -12.57
CA SER C 7 62.31 10.69 -12.03
CA ASN C 8 62.23 10.35 -8.23
CA ARG C 9 65.97 10.08 -7.74
CA ASP C 10 68.19 11.75 -5.10
CA PHE C 11 71.99 11.70 -5.00
CA LEU C 12 73.78 11.50 -1.69
CA GLU C 13 77.20 11.84 -0.19
CA GLY C 14 76.55 10.82 3.39
CA VAL C 15 79.03 12.85 5.38
CA SER C 16 82.72 13.63 5.38
CA GLY C 17 84.72 10.51 6.20
CA ALA C 18 81.44 8.73 6.88
CA THR C 19 81.17 4.96 6.47
CA TRP C 20 77.43 5.27 6.95
CA VAL C 21 74.60 7.60 5.89
CA ASP C 22 71.14 8.32 7.19
CA LEU C 23 68.45 8.25 4.56
CA VAL C 24 64.75 8.37 3.69
CA LEU C 25 63.04 6.10 1.15
CA GLU C 26 59.47 6.33 -0.19
CA GLY C 27 57.13 4.57 -2.60
CA ASP C 28 58.22 5.13 -6.21
CA SER C 29 61.53 6.79 -5.28
CA CYS C 30 65.21 5.80 -5.46
CA VAL C 31 68.49 7.07 -4.01
CA THR C 32 72.06 6.96 -5.30
CA ILE C 33 74.76 7.14 -2.62
CA MET C 34 78.40 8.06 -3.13
CA SER C 35 81.30 7.61 -0.76
CA LYS C 36 85.01 8.26 -1.19
CA ASP C 37 86.99 5.24 -2.35
CA LYS C 38 83.89 3.04 -2.38
CA PRO C 39 81.40 1.79 -4.95
CA THR C 40 78.27 3.81 -5.60
CA ILE C 41 74.98 2.14 -4.70
CA ASP C 42 71.29 2.71 -5.06
CA VAL C 43 68.89 2.09 -2.20
CA LYS C 44 65.28 1.85 -3.35
CA MET C 45 62.00 0.89 -1.78
CA MET C 46 60.20 -1.52 -4.00
CA ASN C 47 56.99 -2.55 -2.27
CA MET C 48 54.82 -1.80 0.82
CA GLU C 49 52.42 -4.58 1.85
CA ALA C 50 50.28 -5.88 4.70
CA ALA C 51 50.97 -9.62 4.80
CA ASN C 52 50.46 -11.21 6.54
CA LEU C 53 47.02 -9.58 6.50
CA ALA C 54 43.91 -10.38 8.52
CA GLU C 55 40.18 -10.23 7.80
CA VAL C 56 37.88 -7.88 9.73
CA ARG C 57 34.35 -8.02 8.29
CA SER C 58 32.39 -9.72 5.49
CA TYR C 59 29.29 -8.29 3.82
CA CYS C 60 27.28 -10.68 1.65
CA TYR C 61 25.12 -10.61 -1.43
CA LEU C 62 22.86 -13.61 -1.11
CA ALA C 63 21.06 -16.78 -2.13
CA THR C 64 19.32 -19.15 0.36
CA VAL C 65 15.84 -17.63 0.75
CA SER C 66 14.24 -20.94 -0.18
CA ASP C 67 12.84 -22.74 2.89
CA LEU C 68 9.73 -21.29 4.52
CA SER C 69 7.71 -21.52 7.75
CA THR C 70 4.49 -20.00 9.12
CA LYS C 71 3.61 -20.79 12.75
CA ALA C 72 -0.05 -19.81 13.02
CA ALA C 73 -1.89 -18.60 16.12
CA CYS C 74 -5.62 -17.94 16.34
CA PRO C 75 -7.01 -14.65 17.75
CA THR C 76 -6.76 -14.32 21.53
CA MET C 77 -4.60 -17.47 21.49
CA GLY C 78 -1.58 -15.23 21.99
CA GLU C 79 1.64 -15.12 19.98
CA ALA C 80 3.09 -17.74 17.64
CA HIS C 81 6.41 -19.49 18.29
CA ASN C 82 8.06 -21.15 15.32
CA ASP C 83 10.30 -24.08 16.19
CA LYS C 84 12.67 -22.64 13.58
CA ARG C 85 13.56 -20.15 16.31
CA ALA C 86 15.87 -22.47 18.28
CA ASP C 87 18.74 -22.29 15.81
CA PRO C 88 19.84 -19.55 13.34
CA ALA C 89 18.74 -22.17 10.80
CA PHE C 90 16.23 -19.51 9.80
CA VAL C 91 15.35 -15.84 10.40
CA CYS C 92 11.94 -15.36 11.97
CA ARG C 93 9.63 -12.34 12.19
CA GLN C 94 6.15 -12.01 13.68
CA GLY C 95 3.05 -10.38 12.24
CA VAL C 96 -0.75 -10.57 12.52
CA VAL C 97 -3.49 -11.61 10.12
CA ASP C 98 -7.13 -10.63 9.98
CA ARG C 99 -9.11 -13.85 10.18
CA GLY C 100 -11.70 -16.07 11.82
CA TRP C 101 -14.37 -18.51 10.66
CA GLY C 102 -13.58 -17.85 7.04
CA ASN C 103 -10.25 -19.58 7.59
CA GLY C 104 -10.63 -22.16 10.34
CA CYS C 105 -10.50 -19.89 13.35
CA GLY C 106 -13.25 -19.66 15.98
CA LEU C 107 -13.33 -15.91 16.73
CA PHE C 108 -12.79 -12.90 14.41
CA GLY C 109 -9.83 -10.57 14.58
CA LYS C 110 -6.04 -10.40 14.55
CA GLY C 111 -4.16 -13.65 14.92
CA SER C 112 -0.46 -14.09 15.65
CA ILE C 113 2.04 -15.13 12.98
CA ASP C 114 5.76 -16.01 13.22
CA THR C 115 7.36 -17.25 10.00
CA CYS C 116 10.99 -18.06 9.18
CA ALA C 117 13.36 -18.19 6.19
CA LYS C 118 16.85 -19.74 5.96
CA PHE C 119 20.22 -18.01 5.81
CA ALA C 120 23.66 -18.89 4.42
CA CYS C 121 26.00 -16.75 2.30
CA SER C 122 27.04 -16.73 -1.37
CA THR C 123 29.32 -13.90 -2.53
CA LYS C 124 31.13 -12.45 0.52
CA ALA C 125 32.39 -8.92 -0.18
CA ILE C 126 35.29 -9.63 2.20
CA GLY C 127 37.56 -6.95 3.68
CA ARG C 128 40.69 -6.84 5.86
CA THR C 129 43.26 -4.72 7.76
CA ILE C 130 46.81 -3.50 7.22
CA LEU C 131 48.90 -3.35 10.40
CA LYS C 132 51.74 -0.84 10.00
CA GLU C 133 53.15 -6.60 12.80
CA ASN C 134 51.85 -7.43 9.32
CA ILE C 135 53.79 -4.56 7.73
CA LYS C 136 56.74 -5.74 5.66
CA TYR C 137 58.98 -3.62 3.46
CA GLU C 138 60.83 -4.60 0.30
CA VAL C 139 64.06 -2.73 -0.31
CA ALA C 140 66.26 -3.30 -3.34
CA ILE C 141 69.96 -2.45 -3.40
CA PHE C 142 72.02 -1.97 -6.55
CA VAL C 143 75.81 -1.61 -6.99
CA HIS C 144 77.26 0.69 -9.65
CA GLY C 145 79.70 -1.95 -10.73
CA PRO C 146 80.37 -2.61 -14.44
CA THR C 147 77.32 -2.43 -16.68
CA THR C 148 76.06 -1.64 -20.17
CA VAL C 149 73.02 0.20 -21.41
CA GLU C 150 71.65 -3.31 -21.73
CA SER C 151 72.41 -5.07 -18.43
CA HIS C 152 71.87 -1.96 -16.36
CA GLY C 153 68.18 -2.59 -15.87
CA ASN C 154 68.12 -6.39 -15.92
CA TYR C 155 67.60 -7.48 -12.35
CA SER C 156 68.63 -11.00 -13.30
CA THR C 157 71.95 -10.19 -14.91
CA GLN C 158 72.76 -7.90 -11.99
CA VAL C 159 71.96 -10.44 -9.29
CA GLY C 160 74.02 -12.89 -11.30
CA ALA C 161 76.83 -10.35 -11.37
CA THR C 162 76.29 -9.97 -7.59
CA GLN C 163 75.67 -6.29 -8.21
CA ALA C 164 72.12 -6.24 -6.93
CA GLY C 165 69.80 -7.62 -4.28
CA ARG C 166 66.26 -7.45 -3.00
CA PHE C 167 65.56 -8.12 0.68
CA SER C 168 62.67 -7.33 3.01
CA ILE C 169 62.41 -5.32 6.23
CA THR C 170 60.02 -6.00 9.06
CA PRO C 171 59.25 -4.51 12.46
CA ALA C 172 60.43 -7.91 13.69
CA ALA C 173 63.91 -7.50 12.15
CA PRO C 174 64.25 -3.87 10.86
CA SER C 175 67.75 -4.43 9.54
CA TYR C 176 69.77 -6.62 7.18
CA THR C 177 73.27 -7.12 5.89
CA LEU C 178 73.15 -7.68 2.16
CA LYS C 179 76.34 -9.32 0.93
CA LEU C 180 77.59 -8.39 -2.53
CA GLY C 181 80.49 -10.72 -3.17
CA GLU C 182 83.92 -9.14 -3.47
CA TYR C 183 82.19 -5.77 -3.00
CA GLY C 184 81.84 -6.68 0.65
CA GLU C 185 78.38 -5.88 1.91
CA VAL C 186 75.91 -3.16 2.87
CA THR C 187 73.86 -3.34 6.04
CA VAL C 188 70.75 -1.24 6.31
CA ASP C 189 68.86 -0.62 9.58
CA CYS C 190 65.71 0.87 8.17
CA GLU C 191 63.34 1.86 10.91
CA PRO C 192 59.77 0.78 9.95
CA ARG C 193 58.67 4.03 11.56
CA SER C 194 56.81 6.14 9.03
CA GLY C 195 54.24 8.87 8.58
CA ILE C 196 51.09 7.00 7.63
CA ASP C 197 48.09 7.08 3.64
CA THR C 198 47.64 5.85 7.18
CA ASN C 199 46.54 2.26 7.76
CA ALA C 200 43.27 3.97 8.71
CA TYR C 201 41.78 2.78 5.41
CA TYR C 202 40.30 -0.73 5.25
CA VAL C 203 41.06 -3.42 2.67
CA MET C 204 37.95 -3.86 0.52
CA THR C 205 37.72 -7.08 -1.52
CA VAL C 206 34.98 -7.54 -4.10
CA GLY C 207 34.96 -10.67 -6.24
CA THR C 208 38.07 -9.88 -8.28
CA LYS C 209 38.48 -6.11 -8.05
CA THR C 210 40.17 -5.24 -4.76
CA PHE C 211 39.87 -1.68 -3.41
CA LEU C 212 40.92 0.46 -0.48
CA VAL C 213 37.92 1.90 1.40
CA HIS C 214 37.42 4.20 4.42
CA ARG C 215 37.03 2.29 7.72
CA GLU C 216 33.57 3.80 8.19
CA TRP C 217 32.00 3.85 4.73
CA PHE C 218 32.76 0.15 5.00
CA MET C 219 32.04 -0.72 8.64
CA ASP C 220 29.06 1.65 8.66
CA LEU C 221 27.24 0.19 5.67
CA ASN C 222 23.97 -1.74 5.39
CA LEU C 223 24.44 -5.41 4.43
CA PRO C 224 24.58 -8.79 6.16
CA TRP C 225 27.98 -9.48 7.68
CA SER C 226 30.26 -11.85 9.56
CA SER C 227 33.64 -11.40 11.26
CA ALA C 228 35.75 -14.59 11.24
CA GLY C 229 32.94 -17.09 11.82
CA SER C 230 30.38 -19.06 9.80
CA THR C 231 27.84 -17.18 11.91
CA VAL C 232 26.12 -14.25 10.21
CA TRP C 233 24.34 -11.28 11.83
CA ARG C 234 22.00 -8.57 10.52
CA ASN C 235 20.86 -10.96 7.77
CA ARG C 236 17.74 -8.81 7.84
CA GLU C 237 18.65 -8.05 4.25
CA THR C 238 16.64 -11.17 3.53
CA LEU C 239 13.94 -8.50 3.20
CA MET C 240 10.71 -7.87 1.32
CA GLU C 241 9.07 -10.87 2.92
CA PHE C 242 6.17 -9.33 4.78
CA GLU C 243 3.55 -9.48 2.04
CA GLU C 244 1.59 -9.46 5.34
CA PRO C 245 0.28 -12.96 4.37
CA HIS C 246 -2.03 -15.75 5.43
CA ALA C 247 -1.08 -18.55 7.86
CA THR C 248 -0.46 -20.76 4.82
CA LYS C 249 2.47 -19.03 3.12
CA GLN C 250 4.42 -15.84 3.67
CA SER C 251 6.20 -15.02 0.42
CA VAL C 252 9.88 -14.81 1.24
CA ILE C 253 11.20 -13.07 -1.86
CA ALA C 254 14.99 -13.13 -2.02
CA LEU C 255 16.00 -9.47 -2.08
CA GLY C 256 17.25 -8.52 -5.52
CA SER C 257 21.06 -8.39 -5.52
CA GLN C 258 22.06 -5.04 -7.01
CA GLU C 259 25.85 -4.72 -7.25
CA GLY C 260 25.14 -1.06 -7.98
CA ALA C 261 25.11 -0.31 -4.24
CA LEU C 262 28.77 -1.26 -4.25
CA HIS C 263 29.90 -0.19 -7.70
CA GLN C 264 28.31 3.24 -7.21
CA ALA C 265 30.83 3.95 -4.43
CA LEU C 266 33.71 2.93 -6.69
CA ALA C 267 35.74 6.09 -7.36
CA GLY C 268 35.69 7.02 -3.67
CA ALA C 269 37.91 4.12 -2.66
CA ILE C 270 41.21 3.68 -4.47
CA PRO C 271 41.67 0.44 -6.45
CA VAL C 272 44.55 -1.94 -5.67
CA GLU C 273 45.89 -5.22 -7.00
CA PHE C 274 45.61 -7.92 -4.35
CA SER C 275 46.71 -11.56 -4.46
CA SER C 276 45.25 -14.00 -1.92
CA ASN C 277 47.84 -12.89 0.69
CA THR C 278 49.36 -9.71 -0.71
CA VAL C 279 48.59 -6.03 -1.16
CA LYS C 280 51.00 -4.12 -3.36
CA LEU C 281 49.98 -0.05 1.04
CA THR C 282 50.60 3.00 -1.13
CA SER C 283 51.26 5.78 1.40
CA GLY C 284 54.35 5.33 3.58
CA HIS C 285 58.03 6.13 4.14
CA LEU C 286 61.10 4.60 5.81
CA LYS C 287 64.01 6.14 7.67
CA CYS C 288 67.14 4.12 7.13
CA ARG C 289 70.81 4.23 8.04
CA VAL C 290 72.91 2.76 5.24
CA LYS C 291 75.93 1.62 7.23
CA MET C 292 78.58 0.58 4.75
CA GLU C 293 82.03 0.37 6.23
CA LYS C 294 81.78 -3.15 4.83
CA LEU C 295 81.14 -1.90 1.29
CA GLN C 296 84.34 -2.23 -0.72
CA LEU C 297 85.86 -1.58 -4.13
CA LYS C 298 86.93 -4.28 -6.54
CA GLY C 299 89.31 -4.55 -9.50
CA THR C 300 91.60 -1.96 -7.91
CA THR C 301 94.78 -3.94 -8.59
CA TYR C 302 94.28 -3.80 -12.37
CA GLY C 303 96.10 -1.56 -14.80
CA VAL C 304 94.62 1.27 -16.85
CA CYS C 305 92.94 0.45 -20.16
CA SER C 306 95.38 1.31 -22.92
CA LYS C 307 93.70 0.95 -26.30
CA ALA C 308 91.21 3.05 -28.20
CA PHE C 309 87.78 3.97 -26.82
CA LYS C 310 84.83 4.94 -28.98
CA PHE C 311 81.56 6.63 -28.03
CA LEU C 312 78.40 4.75 -29.04
CA GLY C 313 76.22 7.84 -29.18
CA THR C 314 75.46 11.31 -27.88
CA PRO C 315 75.45 11.25 -24.08
CA ALA C 316 71.95 11.71 -22.63
CA ASP C 317 70.55 14.02 -19.94
CA THR C 318 69.12 12.15 -16.94
CA GLY C 319 67.30 15.27 -15.92
CA HIS C 320 69.34 15.17 -12.74
CA GLY C 321 72.38 17.19 -13.67
CA THR C 322 74.17 14.06 -14.81
CA VAL C 323 74.45 12.41 -18.16
CA VAL C 324 74.68 8.82 -19.32
CA LEU C 325 76.60 7.26 -22.17
CA GLU C 326 77.97 3.97 -23.37
CA LEU C 327 81.51 3.23 -24.49
CA GLN C 328 82.95 0.42 -26.60
CA TYR C 329 86.50 -0.81 -26.10
CA THR C 330 88.67 -1.58 -29.12
CA GLY C 331 91.01 -3.04 -26.51
CA THR C 332 91.90 -6.70 -26.72
CA ASP C 333 93.34 -6.77 -23.21
CA GLY C 334 91.25 -7.93 -20.27
CA PRO C 335 89.69 -6.18 -17.23
CA CYS C 336 91.41 -2.78 -17.06
CA LYS C 337 90.28 0.55 -15.59
CA VAL C 338 88.46 2.92 -17.99
CA PRO C 339 90.30 6.26 -18.27
CA ILE C 340 87.31 8.58 -18.36
CA SER C 341 87.00 11.99 -16.80
CA SER C 342 85.38 15.35 -17.36
CA VAL C 343 87.71 18.13 -18.40
CA ALA C 344 86.89 21.86 -18.46
CA SER C 345 88.93 22.42 -21.64
CA LEU C 346 90.85 20.09 -23.91
CA ASN C 347 94.12 18.87 -22.45
CA ASP C 348 93.67 20.31 -18.93
CA LEU C 349 95.50 18.37 -16.25
CA THR C 350 92.97 18.31 -13.43
CA PRO C 351 89.43 16.78 -13.78
CA VAL C 352 86.25 18.64 -12.87
CA GLY C 353 83.45 16.21 -13.47
CA ARG C 354 82.69 13.71 -10.70
CA LEU C 355 81.75 10.25 -11.91
CA VAL C 356 78.60 8.65 -10.57
CA THR C 357 79.90 5.32 -11.92
CA VAL C 358 83.05 5.55 -9.83
CA ASN C 359 86.09 3.40 -10.65
CA PRO C 360 84.72 2.20 -14.00
CA PHE C 361 86.32 -0.67 -15.87
CA VAL C 362 85.97 -3.11 -18.75
CA SER C 363 84.47 -6.16 -17.12
CA VAL C 364 85.63 -8.74 -19.67
CA ALA C 365 88.85 -9.49 -21.58
CA THR C 366 86.74 -10.08 -24.69
CA ALA C 367 87.63 -7.09 -26.89
CA ASN C 368 84.92 -4.58 -27.93
CA ALA C 369 83.02 -4.73 -24.63
CA LYS C 370 80.51 -2.04 -23.74
CA VAL C 371 80.66 0.21 -20.70
CA LEU C 372 77.82 2.29 -19.31
CA ILE C 373 78.69 5.52 -17.56
CA GLU C 374 76.81 8.13 -15.64
CA LEU C 375 78.63 11.26 -14.62
CA GLU C 376 77.79 14.78 -13.52
CA PRO C 377 79.55 17.32 -15.66
CA PRO C 378 80.27 20.89 -14.52
CA PHE C 379 77.83 23.64 -15.44
CA GLY C 380 78.33 25.38 -18.75
CA ASP C 381 80.48 23.77 -21.41
CA SER C 382 82.90 20.96 -20.61
CA TYR C 383 84.49 17.94 -22.23
CA ILE C 384 84.08 14.25 -21.51
CA VAL C 385 87.25 12.38 -22.36
CA VAL C 386 88.39 8.78 -22.51
CA GLY C 387 91.99 7.56 -22.81
CA ARG C 388 94.85 10.02 -23.17
CA GLY C 389 97.20 11.54 -25.71
CA GLU C 390 96.59 10.36 -29.23
CA GLN C 391 94.39 7.48 -28.16
CA GLN C 392 92.11 9.85 -26.28
CA ILE C 393 88.73 10.79 -27.68
CA ASN C 394 86.36 13.45 -26.44
CA HIS C 395 82.88 14.81 -26.66
CA HIS C 396 81.76 18.25 -25.55
CA TRP C 397 78.84 19.06 -23.27
CA HIS C 398 77.11 22.10 -21.80
CA LYS C 399 75.13 21.93 -18.54
CA SER C 400 72.66 24.67 -17.52
CA LEU D 1 -23.65 -18.17 39.55
CA SER D 2 -24.35 -14.51 40.39
CA ASN D 3 -26.22 -11.55 38.85
CA PHE D 4 -25.28 -8.41 36.90
CA GLN D 5 -28.08 -5.85 36.57
CA GLY D 6 -30.78 -8.56 36.80
CA LYS D 7 -29.13 -10.99 34.35
CA VAL D 8 -27.32 -14.24 35.07
CA MET D 9 -23.53 -13.90 35.54
CA MET D 10 -21.09 -16.83 35.60
CA THR D 11 -17.70 -16.70 37.33
CA VAL D 12 -15.69 -19.48 35.62
CA ASN D 13 -12.50 -21.02 37.01
CA ALA D 14 -9.68 -22.84 35.17
CA THR D 15 -11.10 -26.26 36.17
CA ASP D 16 -14.22 -25.66 33.99
CA VAL D 17 -12.31 -25.32 30.67
CA THR D 18 -13.93 -27.50 27.92
CA ASP D 19 -17.24 -28.19 29.75
CA VAL D 20 -20.80 -27.13 29.01
CA ILE D 21 -22.01 -24.65 31.66
CA THR D 22 -25.50 -25.64 32.70
CA ILE D 23 -27.74 -23.73 35.14
CA PRO D 24 -31.55 -23.72 35.78
CA THR D 25 -33.47 -20.51 35.08
CA ALA D 26 -37.19 -19.57 35.35
CA ALA D 27 -37.26 -20.28 31.58
CA GLY D 28 -35.73 -23.81 31.89
CA LYS D 29 -32.19 -25.22 31.70
CA ASN D 30 -29.74 -22.74 30.17
CA LEU D 31 -26.67 -24.21 28.49
CA CYS D 32 -23.85 -21.80 27.70
CA ILE D 33 -20.86 -22.69 25.58
CA VAL D 34 -17.44 -21.22 26.44
CA ARG D 35 -14.63 -21.47 23.88
CA ALA D 36 -12.37 -18.79 25.42
CA MET D 37 -8.83 -19.88 24.43
CA ASP D 38 -7.34 -17.58 27.11
CA VAL D 39 -9.44 -19.05 29.99
CA GLY D 40 -6.99 -19.22 32.90
CA TYR D 41 -6.98 -19.08 36.69
CA MET D 42 -9.19 -16.60 38.52
CA CYS D 43 -7.02 -13.63 39.50
CA ASP D 44 -6.90 -9.80 39.31
CA ASP D 45 -6.60 -10.17 35.53
CA THR D 46 -10.26 -10.93 34.81
CA ILE D 47 -12.31 -10.09 31.74
CA THR D 48 -16.10 -9.69 31.76
CA TYR D 49 -18.42 -9.78 28.75
CA GLU D 50 -21.74 -11.16 27.50
CA CYS D 51 -22.55 -14.54 25.97
CA PRO D 52 -25.44 -13.72 23.58
CA VAL D 53 -28.44 -16.02 23.04
CA LEU D 54 -28.13 -18.00 19.79
CA SER D 55 -31.30 -19.73 18.59
CA ALA D 56 -33.73 -20.09 15.64
CA GLY D 57 -30.61 -19.95 13.45
CA ASN D 58 -27.30 -19.52 13.77
CA ASP D 59 -23.64 -20.54 13.74
CA PRO D 60 -21.54 -18.41 16.16
CA GLU D 61 -19.45 -15.70 14.47
CA ASP D 62 -16.65 -13.61 16.03
CA ILE D 63 -17.59 -14.77 19.55
CA ASP D 64 -16.19 -17.42 21.94
CA CYS D 65 -19.21 -17.67 24.30
CA TRP D 66 -22.96 -17.99 23.75
CA CYS D 67 -26.05 -19.55 25.34
CA THR D 68 -29.07 -21.41 24.02
CA LYS D 69 -31.85 -20.09 26.30
CA SER D 70 -30.79 -16.91 28.14
CA ALA D 71 -28.08 -14.33 27.45
CA VAL D 72 -25.54 -14.62 30.27
CA TYR D 73 -22.54 -12.64 31.28
CA VAL D 74 -19.19 -14.35 31.99
CA ARG D 75 -16.07 -13.54 33.98
CA TYR D 76 -12.82 -15.52 34.12
CA GLY D 77 -9.12 -14.93 34.90
CA ARG D 78 -6.25 -15.26 32.38
CA CYS D 79 -3.46 -16.14 34.86
CA THR D 80 -1.53 -19.39 34.26
CA LEU E 1 -15.30 -24.22 -31.32
CA SER E 2 -13.85 -21.15 -33.10
CA ASN E 3 -10.45 -19.94 -34.37
CA PHE E 4 -7.77 -17.51 -33.16
CA GLN E 5 -5.13 -16.64 -35.77
CA GLY E 6 -5.55 -20.02 -37.53
CA LYS E 7 -5.53 -22.15 -34.35
CA VAL E 8 -8.43 -23.90 -32.63
CA MET E 9 -10.14 -21.84 -29.88
CA MET E 10 -12.60 -23.25 -27.34
CA THR E 11 -15.23 -21.14 -25.59
CA VAL E 12 -16.09 -23.17 -22.45
CA ASN E 13 -19.19 -22.67 -20.32
CA ALA E 14 -19.80 -23.59 -16.66
CA THR E 15 -21.70 -26.77 -17.67
CA ASP E 16 -18.48 -28.29 -19.11
CA VAL E 17 -16.50 -28.24 -15.81
CA THR E 18 -14.81 -31.66 -15.17
CA ASP E 19 -15.24 -33.07 -18.71
CA VAL E 20 -12.71 -33.94 -21.40
CA ILE E 21 -13.05 -31.52 -24.34
CA THR E 22 -12.95 -33.51 -27.55
CA ILE E 23 -12.99 -32.07 -31.10
CA PRO E 24 -11.96 -33.49 -34.54
CA THR E 25 -9.06 -31.83 -36.36
CA ALA E 26 -7.32 -32.54 -39.71
CA ALA E 27 -4.72 -34.37 -37.54
CA GLY E 28 -7.33 -36.60 -35.77
CA LYS E 29 -9.29 -36.33 -32.50
CA ASN E 30 -7.86 -33.68 -30.18
CA LEU E 31 -8.53 -34.15 -26.47
CA CYS E 32 -7.86 -31.15 -24.24
CA ILE E 33 -7.85 -31.31 -20.46
CA VAL E 34 -9.16 -28.34 -18.47
CA ARG E 35 -8.43 -28.16 -14.73
CA ALA E 36 -9.21 -24.42 -14.29
CA MET E 37 -10.40 -24.15 -10.65
CA ASP E 38 -11.92 -20.72 -11.39
CA VAL E 39 -14.03 -21.94 -14.37
CA GLY E 40 -17.35 -20.10 -13.96
CA TYR E 41 -20.21 -18.77 -16.06
CA MET E 42 -19.50 -17.03 -19.36
CA CYS E 43 -19.67 -13.28 -18.73
CA ASP E 44 -17.67 -10.05 -19.33
CA ASP E 45 -15.06 -11.44 -16.91
CA THR E 46 -13.41 -13.89 -19.34
CA ILE E 47 -9.80 -15.03 -19.47
CA THR E 48 -8.11 -16.30 -22.64
CA TYR E 49 -4.90 -18.33 -22.85
CA GLU E 50 -3.28 -21.32 -24.57
CA CYS E 51 -3.45 -25.02 -23.69
CA PRO E 52 -0.05 -26.33 -24.90
CA VAL E 53 0.43 -29.72 -26.56
CA LEU E 54 1.84 -32.30 -24.13
CA SER E 55 3.18 -35.51 -25.68
CA ALA E 56 6.24 -37.79 -25.96
CA GLY E 57 6.75 -37.03 -22.26
CA ASN E 58 5.41 -35.15 -19.84
CA ASP E 59 3.46 -34.47 -16.65
CA PRO E 60 1.80 -30.99 -16.70
CA GLU E 61 3.61 -28.35 -14.63
CA ASP E 62 2.33 -24.88 -13.63
CA ILE E 63 -0.60 -25.15 -16.11
CA ASP E 64 -4.30 -26.01 -15.76
CA CYS E 65 -5.05 -26.77 -19.45
CA TRP E 66 -3.27 -28.82 -22.11
CA CYS E 67 -4.04 -30.95 -25.18
CA THR E 68 -2.74 -34.23 -26.52
CA LYS E 69 -2.73 -33.58 -30.30
CA SER E 70 -3.01 -29.86 -31.11
CA ALA E 71 -2.28 -26.73 -29.04
CA VAL E 72 -5.62 -24.98 -28.48
CA TYR E 73 -6.61 -21.71 -26.99
CA VAL E 74 -9.34 -21.50 -24.33
CA ARG E 75 -11.74 -18.85 -23.06
CA TYR E 76 -14.11 -19.07 -20.10
CA GLY E 77 -15.90 -16.76 -17.65
CA ARG E 78 -15.28 -16.60 -13.88
CA CYS E 79 -18.75 -15.36 -12.80
CA THR E 80 -20.66 -17.48 -10.25
CA LEU F 1 2.05 -38.55 3.69
CA SER F 2 4.37 -37.81 6.63
CA ASN F 3 4.15 -36.19 10.09
CA PHE F 4 5.09 -32.82 11.62
CA GLN F 5 5.01 -32.73 15.43
CA GLY F 6 2.34 -35.47 15.58
CA LYS F 7 0.09 -33.99 12.86
CA VAL F 8 -0.43 -35.17 9.29
CA MET F 9 1.86 -33.53 6.70
CA MET F 10 1.37 -33.76 2.93
CA THR F 11 4.22 -33.35 0.42
CA VAL F 12 2.44 -32.42 -2.83
CA ASN F 13 3.99 -32.63 -6.30
CA ALA F 14 3.05 -30.75 -9.50
CA THR F 15 1.09 -33.78 -10.81
CA ASP F 16 -1.50 -33.38 -7.99
CA VAL F 17 -2.63 -29.84 -8.98
CA THR F 18 -6.48 -29.60 -9.10
CA ASP F 19 -7.22 -32.86 -7.23
CA VAL F 20 -8.80 -33.54 -3.85
CA ILE F 21 -6.18 -34.94 -1.45
CA THR F 22 -7.69 -37.86 0.41
CA ILE F 23 -6.03 -39.86 3.22
CA PRO F 24 -7.39 -42.17 5.99
CA THR F 25 -6.94 -41.08 9.60
CA ALA F 26 -7.98 -42.64 12.96
CA ALA F 27 -10.93 -40.20 12.75
CA GLY F 28 -12.03 -41.35 9.23
CA LYS F 29 -11.29 -40.15 5.67
CA ASN F 30 -9.74 -36.67 5.63
CA LEU F 31 -10.24 -34.63 2.47
CA CYS F 32 -8.05 -31.57 2.06
CA ILE F 33 -8.58 -28.97 -0.63
CA VAL F 34 -5.54 -27.27 -2.20
CA ARG F 35 -6.06 -24.12 -4.30
CA ALA F 36 -2.42 -22.93 -4.25
CA MET F 37 -2.03 -20.99 -7.53
CA ASP F 38 1.78 -21.19 -7.24
CA VAL F 39 1.86 -25.02 -6.84
CA GLY F 40 4.89 -26.08 -8.92
CA TYR F 41 7.50 -28.82 -9.04
CA MET F 42 9.10 -30.09 -5.85
CA CYS F 43 12.49 -28.37 -5.50
CA ASP F 44 14.61 -26.39 -2.99
CA ASP F 45 12.00 -23.61 -3.26
CA THR F 46 9.36 -25.20 -1.03
CA ILE F 47 6.82 -23.52 1.21
CA THR F 48 5.26 -25.18 4.28
CA TYR F 49 2.10 -24.12 6.10
CA GLU F 50 -1.10 -25.42 7.68
CA CYS F 51 -4.44 -26.26 6.08
CA PRO F 52 -6.94 -25.51 8.90
CA VAL F 53 -10.04 -27.63 9.59
CA LEU F 54 -13.20 -25.99 8.22
CA SER F 55 -16.50 -27.45 9.45
CA ALA F 56 -19.82 -26.60 11.16
CA GLY F 57 -19.72 -23.41 9.07
CA ASN F 58 -17.70 -21.85 6.92
CA ASP F 59 -16.58 -20.53 3.53
CA PRO F 60 -12.74 -20.32 3.28
CA GLU F 61 -11.33 -16.80 3.67
CA ASP F 62 -7.77 -15.61 2.92
CA ILE F 63 -6.52 -19.23 2.64
CA ASP F 64 -5.78 -21.56 -0.31
CA CYS F 65 -5.78 -24.88 1.61
CA TRP F 66 -8.11 -26.42 4.19
CA CYS F 67 -9.39 -29.83 5.33
CA THR F 68 -12.77 -31.18 6.37
CA LYS F 69 -11.81 -33.59 9.18
CA SER F 70 -8.25 -32.97 10.45
CA ALA F 71 -5.95 -29.93 10.22
CA VAL F 72 -3.02 -30.94 8.00
CA TYR F 73 0.20 -29.31 7.06
CA VAL F 74 1.28 -29.01 3.40
CA ARG F 75 4.55 -28.61 1.54
CA TYR F 76 5.05 -28.05 -2.20
CA GLY F 77 7.66 -26.58 -4.57
CA ARG F 78 7.15 -23.48 -6.76
CA CYS F 79 9.63 -24.39 -9.56
CA THR F 80 8.27 -24.53 -13.12
CA GLU G 1 -43.15 10.09 30.78
CA VAL G 2 -42.24 9.71 27.07
CA LYS G 3 -43.73 11.54 24.14
CA LEU G 4 -43.77 12.10 20.42
CA VAL G 5 -45.93 15.11 19.68
CA GLU G 6 -46.20 15.87 15.99
CA SER G 7 -47.89 18.98 14.57
CA GLY G 8 -45.76 19.63 11.52
CA GLY G 9 -48.85 18.52 9.64
CA GLY G 10 -51.71 20.31 7.93
CA LEU G 11 -53.92 20.47 4.80
CA VAL G 12 -52.47 21.27 1.38
CA LEU G 13 -53.07 21.38 -2.36
CA PRO G 14 -52.14 18.42 -4.65
CA GLY G 15 -48.44 17.92 -5.22
CA GLY G 16 -47.27 20.47 -2.67
CA SER G 17 -44.95 19.58 0.15
CA LEU G 18 -45.01 19.87 3.89
CA ARG G 19 -42.33 19.08 6.46
CA LEU G 20 -43.91 16.85 9.07
CA SER G 21 -42.14 17.03 12.47
CA CYS G 22 -42.12 15.20 15.79
CA ALA G 23 -40.76 16.72 19.00
CA THR G 24 -39.90 14.37 21.87
CA SER G 25 -39.58 14.41 25.62
CA GLY G 26 -38.66 11.57 27.93
CA PHE G 27 -35.73 9.71 26.38
CA THR G 28 -32.27 10.23 24.94
CA PHE G 29 -33.18 10.80 21.26
CA THR G 30 -29.48 10.46 20.37
CA ASP G 31 -29.75 6.69 20.38
CA TYR G 32 -32.90 4.82 19.42
CA TYR G 33 -33.75 4.61 15.75
CA MET G 34 -37.03 6.23 14.70
CA THR G 35 -39.78 5.61 12.22
CA TRP G 36 -42.59 7.25 10.33
CA VAL G 37 -45.85 5.46 9.52
CA ARG G 38 -49.10 6.61 7.84
CA GLN G 39 -52.65 5.25 8.11
CA PRO G 40 -55.04 5.82 5.19
CA PRO G 41 -58.83 5.90 5.66
CA GLY G 42 -58.97 2.29 4.54
CA LYS G 43 -57.84 0.93 7.91
CA ALA G 44 -54.45 -0.40 6.72
CA LEU G 45 -51.27 1.07 8.23
CA GLU G 46 -48.53 1.64 5.64
CA TRP G 47 -44.94 1.94 6.82
CA LEU G 48 -43.30 5.01 5.29
CA GLY G 49 -39.81 5.68 6.59
CA PHE G 50 -37.40 4.53 9.28
CA ILE G 51 -34.06 6.17 10.19
CA GLY G 52 -31.23 5.43 12.55
CA ASN G 53 -28.39 6.53 14.82
CA LYS G 54 -25.42 4.22 14.12
CA ALA G 55 -23.79 7.53 13.74
CA ASN G 56 -26.65 9.75 14.95
CA ASP G 57 -28.53 9.24 11.64
CA TYR G 58 -26.61 6.59 9.67
CA THR G 59 -28.64 3.98 7.84
CA THR G 60 -32.27 4.70 7.10
CA GLU G 61 -34.15 2.47 4.62
CA TYR G 62 -36.84 4.80 3.39
CA SER G 63 -38.06 2.11 0.98
CA ALA G 64 -41.74 1.20 1.14
CA SER G 65 -41.75 2.87 -2.25
CA VAL G 66 -41.99 6.58 -1.46
CA LYS G 67 -41.45 9.66 -3.65
CA GLY G 68 -37.89 10.81 -3.12
CA ARG G 69 -36.84 14.48 -2.63
CA PHE G 70 -38.16 14.04 0.94
CA THR G 71 -36.02 13.51 4.02
CA ILE G 72 -36.45 11.36 7.04
CA SER G 73 -33.95 13.72 8.63
CA ARG G 74 -33.60 13.53 12.41
CA ASP G 75 -32.41 16.44 14.54
CA ASP G 76 -30.71 15.07 17.64
CA SER G 77 -29.69 18.29 19.35
CA GLN G 78 -33.32 19.19 19.89
CA SER G 79 -34.78 15.68 19.80
CA ILE G 80 -36.94 16.20 16.70
CA LEU G 81 -37.79 14.21 13.54
CA TYR G 82 -38.92 15.31 10.10
CA LEU G 83 -40.20 14.09 6.72
CA GLN G 84 -41.23 16.72 4.16
CA MET G 85 -42.30 14.91 1.01
CA SER G 86 -42.84 16.08 -2.58
CA THR G 87 -46.29 14.41 -2.69
CA LEU G 88 -49.34 14.57 -4.94
CA ARG G 89 -51.13 11.39 -6.16
CA ALA G 90 -53.63 12.02 -3.32
CA GLU G 91 -52.88 8.57 -1.80
CA ASP G 92 -50.68 10.13 0.86
CA ARG G 93 -53.94 11.60 2.12
CA ALA G 94 -53.85 10.29 5.72
CA THR G 95 -52.93 10.43 9.39
CA TYR G 96 -49.20 10.18 10.06
CA TYR G 97 -47.53 8.79 13.14
CA CYS G 98 -43.95 8.98 14.33
CA ALA G 99 -42.94 6.04 16.54
CA THR G 100 -39.78 4.64 18.07
CA VAL G 101 -38.06 1.31 17.25
CA TYR G 102 -36.94 -1.04 19.97
CA GLY G 103 -35.10 -4.19 21.11
CA ASN G 104 -33.89 -7.20 19.14
CA TYR G 105 -36.11 -8.15 16.22
CA PRO G 106 -37.39 -4.58 16.73
CA TYR G 107 -40.96 -3.43 16.89
CA PHE G 108 -42.55 -0.02 17.12
CA ASP G 109 -43.60 0.91 20.66
CA VAL G 110 -44.10 4.54 21.65
CA TRP G 111 -46.33 6.24 19.04
CA GLY G 112 -46.90 9.97 18.69
CA ALA G 113 -50.43 11.29 18.36
CA GLY G 114 -50.68 11.74 14.59
CA THR G 115 -51.18 14.18 11.71
CA THR G 116 -54.03 15.10 9.39
CA VAL G 117 -52.57 15.35 5.88
CA ALA G 118 -55.01 16.41 3.17
CA VAL G 119 -55.07 16.53 -0.66
CA SER G 120 -57.14 19.70 -1.17
CA SER G 121 -58.32 21.38 -4.39
CA ALA G 122 -61.47 23.29 -8.46
CA LYS G 123 -61.67 26.30 -6.16
CA THR G 124 -62.06 25.52 -2.48
CA THR G 125 -65.43 26.47 -1.04
CA PRO G 126 -67.24 26.95 2.32
CA PRO G 127 -69.11 23.82 3.53
CA SER G 128 -72.90 24.03 3.82
CA VAL G 129 -74.52 24.09 7.27
CA TYR G 130 -77.93 22.41 7.55
CA PRO G 131 -78.90 21.33 11.12
CA LEU G 132 -81.35 18.41 11.70
CA ALA G 133 -84.07 17.54 14.31
CA PRO G 134 -87.15 15.23 14.82
CA VAL G 135 -89.97 15.67 12.25
CA CYS G 136 -93.29 16.00 14.13
CA GLY G 137 -92.51 12.63 15.69
CA GLY G 138 -91.23 13.99 18.98
CA THR G 139 -92.39 13.29 22.56
CA THR G 140 -93.83 9.95 23.75
CA GLY G 141 -90.15 9.01 23.47
CA SER G 142 -86.98 9.96 25.35
CA SER G 143 -84.58 7.86 23.30
CA VAL G 144 -83.76 9.72 20.07
CA THR G 145 -80.69 11.21 18.39
CA LEU G 146 -80.14 14.48 16.50
CA GLY G 147 -77.42 15.88 14.25
CA CYS G 148 -75.89 18.94 12.59
CA LEU G 149 -75.27 18.24 8.88
CA VAL G 150 -72.61 19.86 6.61
CA LYS G 151 -72.54 19.29 2.79
CA GLY G 152 -70.73 21.61 0.38
CA TYR G 153 -66.93 21.90 0.49
CA PHE G 154 -63.52 20.90 -0.90
CA PRO G 155 -61.10 19.80 0.50
CA GLU G 156 -60.61 18.79 4.15
CA PRO G 157 -60.33 19.15 7.12
CA VAL G 158 -63.50 19.70 9.17
CA THR G 159 -62.73 19.00 12.87
CA LEU G 160 -66.11 18.81 14.57
CA THR G 161 -67.10 18.00 18.17
CA TRP G 162 -70.30 19.19 19.83
CA ASN G 163 -69.97 21.04 23.14
CA SER G 164 -66.96 23.08 22.01
CA GLY G 165 -64.95 19.87 21.69
CA SER G 166 -64.53 17.80 24.85
CA LEU G 167 -67.60 15.56 25.08
CA SER G 168 -66.62 12.12 23.75
CA SER G 169 -69.54 9.80 24.48
CA GLY G 170 -71.46 7.93 21.80
CA VAL G 171 -70.77 10.52 19.12
CA HIS G 172 -70.78 9.70 15.40
CA THR G 173 -69.01 11.18 12.34
CA PHE G 174 -69.60 9.63 8.88
CA PRO G 175 -66.69 10.13 6.41
CA ALA G 176 -67.49 11.36 2.88
CA VAL G 177 -67.05 9.72 -0.53
CA LEU G 178 -66.75 11.16 -4.08
CA GLN G 179 -70.07 12.93 -4.42
CA SER G 180 -69.26 15.31 -7.31
CA GLY G 181 -66.67 17.58 -5.77
CA LEU G 182 -67.98 18.11 -2.26
CA TYR G 183 -67.23 15.99 0.78
CA THR G 184 -70.29 15.34 2.90
CA LEU G 185 -69.61 15.09 6.65
CA SER G 186 -72.34 14.13 9.17
CA SER G 187 -72.62 13.41 12.88
CA SER G 188 -74.74 12.47 15.90
CA VAL G 189 -74.59 11.53 19.59
CA THR G 190 -77.03 11.38 22.54
CA VAL G 191 -77.81 9.68 25.87
CA THR G 192 -81.41 10.55 26.87
CA SER G 193 -83.94 12.96 25.33
CA SER G 194 -84.43 14.88 28.58
CA THR G 195 -83.21 18.33 27.47
CA TRP G 196 -84.11 19.73 24.06
CA PRO G 197 -84.36 22.49 22.98
CA SER G 198 -83.19 23.04 26.57
CA GLN G 199 -79.68 24.55 26.45
CA SER G 200 -77.99 24.84 23.03
CA ILE G 201 -76.10 22.68 20.52
CA THR G 202 -72.47 23.32 19.61
CA CYS G 203 -71.73 22.39 15.99
CA ASN G 204 -67.94 23.00 15.85
CA VAL G 205 -67.48 23.70 12.12
CA ALA G 206 -63.95 24.66 11.02
CA HIS G 207 -62.90 24.53 7.35
CA PRO G 208 -59.43 26.18 7.06
CA ALA G 209 -59.49 25.74 3.26
CA SER G 210 -62.09 28.54 2.91
CA SER G 211 -62.93 29.47 6.52
CA THR G 212 -66.39 28.88 8.02
CA LYS G 213 -67.11 29.03 11.79
CA VAL G 214 -70.78 28.89 12.90
CA ASP G 215 -71.67 26.77 15.95
CA LYS G 216 -75.19 26.02 14.72
CA LYS G 217 -77.83 24.46 16.97
CA ILE G 218 -81.02 22.72 15.90
CA GLU G 219 -84.25 24.69 16.35
CA PRO G 220 -87.32 23.01 17.97
CA ARG G 221 -90.53 24.30 16.39
CA GLN H 1 -42.75 -8.16 -0.52
CA ILE H 2 -44.94 -10.07 1.99
CA VAL H 3 -48.71 -9.58 2.35
CA LEU H 4 -50.30 -10.20 5.76
CA THR H 5 -54.02 -10.93 5.89
CA GLN H 6 -56.05 -11.66 9.01
CA SER H 7 -59.43 -13.18 9.76
CA PRO H 8 -62.04 -12.82 10.87
CA ALA H 9 -62.42 -9.15 10.02
CA ILE H 10 -64.93 -8.39 12.79
CA MET H 11 -65.92 -10.72 15.63
CA SER H 12 -67.90 -10.01 18.80
CA ALA H 13 -66.56 -11.82 21.87
CA SER H 14 -68.82 -11.85 24.91
CA PRO H 15 -67.60 -11.34 28.50
CA GLY H 16 -65.78 -14.59 29.11
CA GLU H 17 -65.85 -15.96 25.59
CA LYS H 18 -62.14 -16.64 25.15
CA VAL H 19 -61.38 -15.58 21.55
CA THR H 20 -58.57 -15.48 18.93
CA MET H 21 -57.30 -14.18 15.54
CA THR H 22 -54.97 -15.19 12.74
CA CYS H 23 -52.23 -13.82 10.55
CA SER H 24 -51.65 -15.67 7.28
CA ALA H 25 -48.01 -15.14 6.37
CA SER H 26 -47.62 -15.44 2.60
CA SER H 27 -43.96 -16.56 2.83
CA SER H 28 -42.04 -17.88 5.82
CA VAL H 29 -41.64 -15.00 8.29
CA SER H 30 -39.46 -15.60 11.33
CA TYR H 31 -41.12 -13.65 14.15
CA MET H 32 -44.32 -11.60 14.48
CA HIS H 33 -45.46 -8.57 16.57
CA TRP H 34 -49.05 -7.59 17.36
CA TYR H 35 -50.39 -4.04 17.84
CA GLN H 36 -53.70 -2.83 19.24
CA GLN H 37 -55.49 0.38 18.37
CA LYS H 38 -58.66 1.47 20.05
CA SER H 39 -60.96 4.11 18.62
CA GLY H 40 -59.26 7.44 19.17
CA THR H 41 -55.84 6.65 20.62
CA SER H 42 -52.96 5.53 18.45
CA PRO H 43 -51.49 2.02 17.99
CA LYS H 44 -49.80 0.21 20.82
CA ILE H 45 -47.28 -2.61 20.96
CA TRP H 46 -49.02 -5.61 22.52
CA ILE H 47 -47.17 -8.63 21.44
CA TYR H 48 -43.64 -8.81 20.11
CA GLU H 49 -41.41 -11.70 18.99
CA SER H 50 -44.67 -13.74 18.48
CA SER H 51 -45.28 -14.46 22.16
CA LYS H 52 -44.36 -12.25 25.11
CA LEU H 53 -46.23 -9.04 25.91
CA ALA H 54 -45.22 -5.85 27.74
CA SER H 55 -46.50 -2.45 29.03
CA GLY H 56 -49.47 -3.41 31.18
CA VAL H 57 -50.64 -5.98 28.72
CA PRO H 58 -52.93 -8.54 30.48
CA VAL H 59 -51.42 -11.96 30.92
CA ARG H 60 -54.80 -13.17 29.67
CA PHE H 61 -53.44 -12.34 26.23
CA SER H 62 -51.65 -15.33 24.73
CA GLY H 63 -50.11 -15.41 21.30
CA SER H 64 -48.23 -18.11 19.40
CA GLY H 65 -47.28 -19.45 15.97
CA SER H 66 -44.41 -19.87 13.45
CA GLY H 67 -43.28 -19.38 9.88
CA THR H 68 -46.56 -19.23 7.97
CA SER H 69 -49.28 -18.76 10.55
CA TYR H 70 -49.40 -17.25 14.05
CA SER H 71 -52.11 -16.14 16.44
CA LEU H 72 -53.15 -14.03 19.37
CA THR H 73 -55.93 -15.28 21.59
CA ILE H 74 -57.64 -13.85 24.67
CA SER H 75 -57.86 -16.11 27.75
CA SER H 76 -61.38 -14.95 28.72
CA MET H 77 -62.19 -11.52 27.30
CA GLU H 78 -63.11 -8.43 29.35
CA ALA H 79 -64.58 -5.24 27.90
CA GLU H 80 -61.29 -3.35 28.12
CA ASP H 81 -60.20 -5.28 25.02
CA VAL H 82 -62.56 -4.08 22.32
CA ALA H 83 -60.27 -2.66 19.67
CA THR H 84 -58.52 -3.68 16.50
CA TYR H 85 -55.41 -5.81 16.21
CA TYR H 86 -52.65 -5.70 13.62
CA CYS H 87 -49.87 -8.24 13.05
CA GLN H 88 -46.47 -7.37 11.63
CA GLN H 89 -43.49 -9.26 10.16
CA TRP H 90 -39.72 -9.49 9.84
CA SER H 91 -36.90 -10.97 7.74
CA SER H 92 -39.01 -9.50 4.94
CA HIS H 93 -37.60 -6.59 2.90
CA PRO H 94 -40.12 -3.69 2.87
CA LEU H 97 -41.63 -4.42 6.33
CA THR H 98 -45.46 -4.80 6.49
CA PHE H 99 -48.63 -4.83 8.60
CA GLY H 100 -51.83 -6.76 9.20
CA ALA H 101 -55.23 -5.82 7.77
CA GLY H 102 -57.09 -5.33 11.03
CA THR H 103 -59.19 -7.64 13.22
CA LYS H 104 -61.96 -5.57 14.87
CA LEU H 105 -63.03 -7.12 18.17
CA GLU H 106 -66.25 -5.73 19.67
CA LEU H 107 -68.15 -6.59 22.88
CA LYS H 108 -71.35 -8.61 22.46
CA ARG H 109 -72.65 -7.41 25.80
CA ALA H 110 -72.45 -10.48 19.48
CA ASP H 111 -75.29 -8.80 17.59
CA ALA H 112 -76.83 -5.37 17.92
CA ALA H 113 -79.91 -3.59 16.67
CA PRO H 114 -79.65 -0.70 14.16
CA THR H 115 -80.99 2.19 16.26
CA VAL H 116 -82.35 3.67 12.97
CA SER H 117 -83.24 7.37 12.71
CA ILE H 118 -84.28 9.93 10.05
CA PHE H 119 -84.17 13.76 9.98
CA PRO H 120 -85.78 17.05 8.71
CA PRO H 121 -84.76 18.88 5.48
CA SER H 122 -83.21 22.35 5.64
CA SER H 123 -84.34 25.99 5.34
CA GLU H 124 -81.10 26.68 3.50
CA GLN H 125 -82.02 23.76 1.22
CA LEU H 126 -85.58 24.93 0.63
CA THR H 127 -84.87 28.62 0.06
CA SER H 128 -82.37 27.66 -2.67
CA GLY H 129 -84.00 24.54 -4.11
CA GLY H 130 -82.91 21.32 -2.45
CA ALA H 131 -83.84 17.87 -1.13
CA SER H 132 -81.88 15.37 0.98
CA VAL H 133 -83.21 13.17 3.79
CA VAL H 134 -80.92 12.34 6.74
CA CYS H 135 -81.33 8.82 8.14
CA PHE H 136 -78.80 7.67 10.78
CA LEU H 137 -78.52 3.87 11.17
CA ASN H 138 -75.81 3.52 13.82
CA ASN H 139 -74.51 0.96 16.34
CA PHE H 140 -75.17 -2.37 14.65
CA TYR H 141 -73.46 -5.73 14.16
CA PRO H 142 -73.10 -7.31 11.53
CA LYS H 143 -71.31 -4.71 9.43
CA ASP H 144 -73.61 -5.70 6.59
CA ILE H 145 -77.12 -4.35 6.09
CA ASN H 146 -79.29 -3.30 3.14
CA VAL H 147 -80.90 0.10 3.85
CA LYS H 148 -82.94 1.65 1.00
CA TRP H 149 -85.60 4.27 0.13
CA LYS H 150 -89.01 3.88 -1.50
CA ILE H 151 -90.84 7.24 -1.51
CA ASP H 152 -94.49 6.36 -2.10
CA GLY H 153 -93.23 2.91 -3.11
CA SER H 154 -90.95 1.09 -5.57
CA GLU H 155 -87.16 1.40 -5.22
CA ARG H 156 -85.33 3.83 -7.49
CA GLN H 157 -82.02 3.16 -9.22
CA ASN H 158 -79.76 6.26 -9.44
CA GLY H 159 -79.12 8.34 -6.32
CA VAL H 160 -77.75 6.24 -3.45
CA LEU H 161 -75.27 7.70 -0.92
CA ASN H 162 -73.54 5.24 1.40
CA SER H 163 -71.29 6.30 4.27
CA TRP H 164 -70.08 2.99 5.72
CA THR H 165 -68.15 3.96 8.91
CA ASP H 166 -65.63 1.96 10.95
CA GLN H 167 -65.89 -0.24 14.10
CA ASP H 168 -66.06 1.74 17.33
CA SER H 169 -63.43 0.91 19.94
CA LYS H 170 -65.78 1.42 22.89
CA ASP H 171 -68.44 -1.22 22.19
CA SER H 172 -67.30 -2.25 18.69
CA THR H 173 -70.37 -1.33 16.62
CA TYR H 174 -70.98 0.12 13.19
CA SER H 175 -72.66 3.51 12.88
CA MET H 176 -73.96 3.94 9.30
CA SER H 177 -75.36 6.71 7.07
CA SER H 178 -76.93 7.04 3.58
CA THR H 179 -78.75 9.77 1.66
CA LEU H 180 -80.60 10.97 -1.49
CA THR H 181 -81.11 14.21 -3.44
CA LEU H 182 -82.78 15.37 -6.64
CA THR H 183 -84.87 18.02 -8.43
CA LYS H 184 -87.81 19.85 -6.80
CA ASP H 185 -90.19 18.24 -9.29
CA GLU H 186 -89.73 14.77 -7.78
CA TYR H 187 -89.61 15.90 -4.11
CA GLU H 188 -92.12 18.54 -3.06
CA ARG H 189 -94.56 16.95 -5.49
CA HIS H 190 -95.10 13.50 -3.98
CA ASN H 191 -96.63 12.22 -0.73
CA SER H 192 -94.39 9.92 1.37
CA TYR H 193 -90.68 9.05 1.75
CA THR H 194 -88.91 5.86 2.83
CA CYS H 195 -85.91 4.75 4.99
CA GLU H 196 -85.98 0.96 5.66
CA ALA H 197 -83.37 -1.73 6.47
CA THR H 198 -83.00 -5.36 5.35
CA HIS H 199 -80.70 -6.49 8.20
CA LYS H 200 -80.49 -9.90 9.93
CA THR H 201 -81.76 -9.16 13.41
CA SER H 202 -85.36 -9.13 12.13
CA THR H 203 -87.57 -11.10 9.72
CA SER H 204 -89.32 -8.63 7.46
CA PRO H 205 -87.70 -5.22 6.53
CA ILE H 206 -87.44 -2.61 9.29
CA VAL H 207 -88.66 0.67 7.75
CA LYS H 208 -88.86 4.13 9.26
CA SER H 209 -89.77 7.23 7.26
CA PHE H 210 -92.02 10.24 6.75
CA ASN H 211 -94.05 11.82 3.94
CA ARG H 212 -93.96 15.29 2.37
CA ASN H 213 -97.40 16.21 3.73
CA GLU H 214 -96.63 17.02 7.38
CA CYS H 215 -93.26 18.84 7.32
CA GLU I 1 3.38 -15.06 -46.46
CA VAL I 2 6.46 -16.44 -44.63
CA LYS I 3 9.77 -17.43 -46.11
CA LEU I 4 13.25 -18.73 -45.54
CA VAL I 5 15.23 -18.35 -48.74
CA GLU I 6 18.76 -19.65 -48.50
CA SER I 7 21.39 -19.22 -51.20
CA GLY I 8 24.52 -18.88 -49.13
CA GLY I 9 25.33 -22.31 -50.52
CA GLY I 10 27.46 -23.57 -53.37
CA LEU I 11 30.04 -26.19 -54.48
CA VAL I 12 33.51 -26.32 -52.93
CA LEU I 13 36.73 -28.27 -52.57
CA PRO I 14 37.29 -30.72 -49.64
CA GLY I 15 37.85 -29.11 -46.26
CA GLY I 16 37.03 -25.57 -47.35
CA SER I 17 34.37 -23.52 -45.68
CA LEU I 18 31.28 -21.68 -46.80
CA ARG I 19 28.90 -19.47 -44.85
CA LEU I 20 25.39 -20.73 -45.53
CA SER I 21 22.71 -18.04 -45.04
CA CYS I 22 18.93 -17.76 -44.82
CA ALA I 23 17.05 -14.50 -45.34
CA THR I 24 13.47 -14.27 -44.06
CA SER I 25 10.30 -12.37 -44.73
CA GLY I 26 6.96 -12.68 -43.00
CA PHE I 27 7.60 -12.87 -39.26
CA THR I 28 9.41 -11.10 -36.42
CA PHE I 29 12.77 -12.93 -36.57
CA THR I 30 13.67 -11.34 -33.20
CA ASP I 31 11.76 -14.01 -31.36
CA TYR I 32 11.39 -17.57 -32.61
CA TYR I 33 14.36 -19.86 -32.29
CA MET I 34 15.80 -21.19 -35.54
CA THR I 35 17.39 -24.36 -36.80
CA TRP I 36 19.60 -25.78 -39.49
CA VAL I 37 19.13 -29.28 -40.92
CA ARG I 38 20.87 -31.20 -43.73
CA GLN I 39 19.66 -34.10 -45.89
CA PRO I 40 22.24 -36.46 -47.41
CA PRO I 41 21.56 -38.45 -50.59
CA GLY I 42 20.70 -41.44 -48.45
CA LYS I 43 17.22 -40.16 -47.62
CA ALA I 44 17.86 -39.56 -43.89
CA LEU I 45 17.58 -36.02 -42.52
CA GLU I 46 20.32 -35.16 -40.01
CA TRP I 47 19.75 -32.30 -37.60
CA LEU I 48 22.75 -29.96 -37.60
CA GLY I 49 22.26 -26.85 -35.50
CA PHE I 50 19.57 -24.98 -33.60
CA ILE I 51 19.90 -21.50 -32.05
CA GLY I 52 17.73 -19.25 -29.95
CA ASN I 53 16.57 -15.80 -28.84
CA LYS I 54 16.27 -15.89 -25.03
CA ALA I 55 18.40 -12.88 -25.44
CA ASN I 56 18.23 -12.56 -29.25
CA ASP I 57 20.65 -15.50 -29.66
CA TYR I 58 21.18 -17.01 -26.21
CA THR I 59 21.28 -20.79 -25.94
CA THR I 60 21.98 -22.79 -29.06
CA GLU I 61 22.82 -26.51 -28.74
CA TYR I 62 24.82 -27.11 -31.87
CA SER I 63 25.44 -30.71 -30.77
CA ALA I 64 24.53 -33.43 -33.25
CA SER I 65 28.29 -33.84 -33.35
CA VAL I 66 29.46 -31.15 -35.78
CA LYS I 67 32.94 -29.77 -36.52
CA GLY I 68 33.37 -26.64 -34.43
CA ARG I 69 34.87 -23.35 -35.73
CA PHE I 70 31.46 -22.84 -37.40
CA THR I 71 28.74 -20.53 -36.16
CA ILE I 72 25.02 -20.87 -36.04
CA SER I 73 25.04 -17.08 -35.73
CA ARG I 74 21.73 -15.31 -36.26
CA ASP I 75 21.46 -11.71 -37.44
CA ASP I 76 18.25 -10.23 -36.07
CA SER I 77 18.48 -6.69 -37.43
CA GLN I 78 18.16 -8.02 -40.97
CA SER I 79 16.34 -11.28 -40.19
CA ILE I 80 19.10 -13.60 -41.46
CA LEU I 81 20.73 -16.84 -40.26
CA TYR I 82 24.16 -18.34 -40.94
CA LEU I 83 26.33 -21.42 -40.46
CA GLN I 84 29.77 -21.42 -42.12
CA MET I 85 31.50 -24.68 -41.20
CA SER I 86 35.12 -25.83 -41.42
CA THR I 87 34.08 -29.04 -43.23
CA LEU I 88 35.84 -31.77 -45.20
CA ARG I 89 35.15 -35.49 -44.59
CA ALA I 90 32.81 -35.29 -47.62
CA GLU I 91 29.83 -36.46 -45.50
CA ASP I 92 28.52 -32.92 -45.25
CA ARG I 93 27.89 -33.33 -48.97
CA ALA I 94 24.14 -32.53 -49.05
CA THR I 95 21.13 -30.24 -49.26
CA TYR I 96 20.74 -27.89 -46.32
CA TYR I 97 17.55 -26.44 -44.97
CA CYS I 98 16.91 -23.64 -42.51
CA ALA I 99 13.61 -24.03 -40.62
CA THR I 100 11.86 -22.39 -37.70
CA VAL I 101 11.05 -23.95 -34.28
CA TYR I 102 7.62 -23.65 -32.76
CA GLY I 103 5.21 -24.13 -29.83
CA ASN I 104 5.48 -26.30 -26.72
CA TYR I 105 7.34 -29.56 -27.27
CA PRO I 106 8.60 -27.71 -30.38
CA TYR I 107 8.73 -29.00 -33.89
CA PHE I 108 10.11 -27.57 -37.11
CA ASP I 109 7.45 -25.98 -39.32
CA VAL I 110 8.37 -23.42 -41.96
CA TRP I 111 11.28 -24.79 -44.04
CA GLY I 112 13.40 -22.80 -46.46
CA ALA I 113 14.05 -24.17 -49.93
CA GLY I 114 17.51 -25.70 -49.45
CA THR I 115 21.17 -25.66 -50.51
CA THR I 116 23.39 -27.78 -52.73
CA VAL I 117 26.65 -28.31 -50.84
CA ALA I 118 29.32 -30.28 -52.71
CA VAL I 119 32.65 -31.94 -51.90
CA SER I 120 34.52 -31.29 -55.18
CA SER I 121 38.04 -32.32 -56.26
CA ALA I 122 43.09 -32.12 -57.22
CA LYS I 123 43.75 -29.83 -60.16
CA THR I 124 40.71 -28.89 -62.21
CA THR I 125 40.67 -30.37 -65.70
CA PRO I 126 38.85 -30.05 -69.08
CA PRO I 127 35.86 -32.44 -69.46
CA SER I 128 36.08 -35.10 -72.19
CA VAL I 129 33.90 -34.80 -75.29
CA TYR I 130 32.72 -38.07 -76.84
CA PRO I 131 29.57 -37.76 -79.06
CA LEU I 132 27.20 -40.76 -79.55
CA ALA I 133 24.99 -42.09 -82.41
CA PRO I 134 23.16 -45.33 -83.57
CA VAL I 135 25.42 -48.39 -84.08
CA CYS I 136 24.60 -49.95 -87.49
CA GLY I 137 21.02 -50.27 -86.28
CA GLY I 138 19.70 -47.20 -88.05
CA THR I 139 16.85 -46.86 -90.57
CA THR I 140 13.69 -49.02 -90.58
CA GLY I 141 12.94 -46.78 -87.59
CA SER I 142 12.14 -43.09 -87.12
CA SER I 143 11.84 -43.17 -83.34
CA VAL I 144 15.34 -43.06 -81.81
CA THR I 145 17.35 -40.75 -79.57
CA LEU I 146 20.99 -39.61 -79.69
CA GLY I 147 23.36 -37.86 -77.28
CA CYS I 148 26.62 -35.95 -76.81
CA LEU I 149 28.57 -37.43 -73.88
CA VAL I 150 31.12 -35.63 -71.61
CA LYS I 151 33.29 -37.53 -69.03
CA GLY I 152 36.49 -36.10 -67.58
CA TYR I 153 36.38 -33.02 -65.34
CA PHE I 154 36.35 -31.51 -61.83
CA PRO I 155 34.43 -29.58 -60.57
CA GLU I 156 31.19 -28.08 -61.92
CA PRO I 157 29.43 -26.39 -63.67
CA VAL I 158 28.65 -27.65 -67.19
CA THR I 159 25.58 -25.76 -68.53
CA LEU I 160 24.52 -27.70 -71.62
CA THR I 161 21.55 -27.25 -73.99
CA TRP I 162 21.52 -28.40 -77.61
CA ASN I 163 20.60 -25.81 -80.26
CA SER I 164 22.67 -23.05 -78.64
CA GLY I 165 20.38 -23.19 -75.59
CA SER I 166 16.71 -22.46 -76.17
CA LEU I 167 15.11 -25.77 -77.20
CA SER I 168 13.43 -27.24 -74.11
CA SER I 169 11.44 -30.25 -75.31
CA GLY I 170 12.01 -33.79 -74.03
CA VAL I 171 15.67 -33.20 -73.28
CA HIS I 172 17.61 -35.22 -70.69
CA THR I 173 20.64 -34.52 -68.46
CA PHE I 174 21.89 -37.22 -66.04
CA PRO I 175 23.73 -35.85 -62.95
CA ALA I 176 27.07 -37.43 -61.98
CA VAL I 177 28.15 -39.36 -58.88
CA LEU I 178 31.60 -40.00 -57.30
CA GLN I 179 33.35 -41.83 -60.09
CA SER I 180 36.99 -41.36 -59.03
CA GLY I 181 37.44 -37.63 -59.38
CA LEU I 182 35.55 -36.82 -62.55
CA TYR I 183 31.88 -35.94 -62.83
CA THR I 184 30.16 -37.65 -65.74
CA LEU I 185 27.40 -35.60 -67.39
CA SER I 186 25.16 -37.04 -70.17
CA SER I 187 22.14 -35.96 -72.18
CA SER I 188 19.56 -36.70 -74.87
CA VAL I 189 16.36 -35.43 -76.51
CA THR I 190 14.43 -36.05 -79.74
CA VAL I 191 10.97 -36.01 -81.39
CA THR I 192 11.17 -37.89 -84.72
CA SER I 193 14.16 -39.35 -86.60
CA SER I 194 13.40 -37.38 -89.78
CA THR I 195 16.59 -35.30 -90.02
CA TRP I 196 19.99 -36.81 -89.26
CA PRO I 197 22.76 -36.16 -90.12
CA SER I 198 20.65 -33.43 -91.76
CA GLN I 199 21.58 -30.10 -90.17
CA SER I 200 24.02 -30.17 -87.20
CA ILE I 201 24.00 -30.86 -83.46
CA THR I 202 24.84 -28.18 -80.89
CA CYS I 203 26.57 -29.65 -77.82
CA ASN I 204 26.84 -26.54 -75.59
CA VAL I 205 29.84 -27.48 -73.43
CA ALA I 206 31.06 -24.81 -70.98
CA HIS I 207 33.38 -25.69 -68.07
CA PRO I 208 34.55 -22.38 -66.47
CA ALA I 209 36.80 -24.31 -64.05
CA SER I 210 39.26 -25.11 -66.88
CA SER I 211 37.56 -23.72 -70.00
CA THR I 212 36.35 -25.98 -72.84
CA LYS I 213 33.95 -24.82 -75.60
CA VAL I 214 33.35 -27.19 -78.55
CA ASP I 215 29.79 -27.53 -79.90
CA LYS I 216 30.32 -31.11 -81.07
CA LYS I 217 27.82 -32.88 -83.33
CA ILE I 218 27.49 -36.61 -83.91
CA GLU I 219 28.86 -37.93 -87.22
CA PRO I 220 26.73 -40.37 -89.32
CA ARG I 221 28.96 -42.90 -91.08
CA GLN J 1 21.18 -41.02 -28.51
CA ILE J 2 17.87 -42.47 -29.82
CA VAL J 3 17.50 -44.23 -33.18
CA LEU J 4 14.11 -44.06 -34.95
CA THR J 5 13.32 -46.71 -37.55
CA GLN J 6 10.10 -47.01 -39.52
CA SER J 7 8.41 -49.69 -41.57
CA PRO J 8 7.40 -50.50 -44.13
CA ALA J 9 9.95 -48.67 -46.25
CA ILE J 10 7.73 -48.41 -49.34
CA MET J 11 4.04 -49.28 -49.53
CA SER J 12 1.51 -48.56 -52.28
CA ALA J 13 -1.94 -47.60 -50.97
CA SER J 14 -4.77 -47.60 -53.49
CA PRO J 15 -7.50 -44.93 -53.66
CA GLY J 16 -9.50 -45.73 -50.57
CA GLU J 17 -7.17 -48.28 -49.02
CA LYS J 18 -6.81 -46.71 -45.57
CA VAL J 19 -3.11 -47.17 -44.66
CA THR J 20 -0.58 -46.61 -41.85
CA MET J 21 3.10 -46.51 -40.72
CA THR J 22 5.20 -47.05 -37.64
CA CYS J 23 8.01 -45.48 -35.66
CA SER J 24 9.94 -47.84 -33.39
CA ALA J 25 11.29 -45.73 -30.54
CA SER J 26 14.42 -47.38 -29.16
CA SER J 27 13.96 -45.85 -25.67
CA SER J 28 10.89 -44.26 -24.14
CA VAL J 29 10.24 -40.98 -26.00
CA SER J 30 7.52 -38.72 -24.66
CA TYR J 31 5.94 -37.15 -27.75
CA MET J 32 6.41 -37.53 -31.52
CA HIS J 33 6.05 -35.26 -34.60
CA TRP J 34 5.55 -36.39 -38.20
CA TYR J 35 6.81 -34.60 -41.33
CA GLN J 36 5.93 -35.13 -44.98
CA GLN J 37 8.15 -34.45 -47.98
CA LYS J 38 6.97 -34.86 -51.51
CA SER J 39 9.33 -35.09 -54.46
CA GLY J 40 10.69 -31.63 -55.06
CA THR J 41 9.32 -29.45 -52.25
CA SER J 42 10.87 -29.47 -48.79
CA PRO J 43 9.63 -31.14 -45.59
CA LYS J 44 6.42 -30.08 -43.93
CA ILE J 45 5.10 -30.40 -40.39
CA TRP J 46 2.10 -32.73 -40.52
CA ILE J 47 1.67 -34.12 -37.11
CA TYR J 48 3.03 -32.75 -33.86
CA GLU J 49 2.72 -33.85 -30.23
CA SER J 50 1.87 -37.37 -31.58
CA SER J 51 -1.72 -36.57 -32.57
CA LYS J 52 -3.07 -33.23 -33.77
CA LEU J 53 -2.30 -31.83 -37.22
CA ALA J 54 -2.19 -28.29 -38.61
CA SER J 55 -1.70 -26.21 -41.82
CA GLY J 56 -4.28 -27.65 -44.18
CA VAL J 57 -3.56 -31.17 -43.11
CA PRO J 58 -6.55 -33.45 -43.96
CA VAL J 59 -8.51 -34.63 -40.99
CA ARG J 60 -8.34 -38.01 -42.71
CA PHE J 61 -4.84 -38.18 -41.25
CA SER J 62 -4.91 -39.78 -37.81
CA GLY J 63 -1.86 -40.46 -35.70
CA SER J 64 -1.42 -41.99 -32.25
CA GLY J 65 0.94 -43.86 -29.93
CA SER J 66 3.13 -43.57 -26.79
CA GLY J 67 6.54 -44.17 -25.29
CA THR J 68 7.99 -46.87 -27.52
CA SER J 69 5.78 -47.01 -30.59
CA TYR J 70 3.51 -44.50 -32.35
CA SER J 71 1.77 -44.32 -35.72
CA LEU J 72 0.23 -42.22 -38.42
CA THR J 73 -2.54 -43.70 -40.49
CA ILE J 74 -4.62 -42.40 -43.39
CA SER J 75 -8.43 -42.65 -43.07
CA SER J 76 -8.96 -43.54 -46.77
CA MET J 77 -6.09 -42.37 -48.95
CA GLU J 78 -6.39 -39.94 -51.89
CA ALA J 79 -3.65 -39.33 -54.46
CA GLU J 80 -2.61 -36.02 -52.92
CA ASP J 81 -0.83 -38.05 -50.23
CA VAL J 82 1.90 -39.85 -52.13
CA ALA J 83 5.09 -38.74 -50.43
CA THR J 84 7.45 -39.79 -47.70
CA TYR J 85 6.90 -39.50 -43.98
CA TYR J 86 9.41 -38.94 -41.21
CA CYS J 87 8.86 -39.23 -37.45
CA GLN J 88 10.82 -37.27 -34.87
CA GLN J 89 11.37 -37.42 -31.09
CA TRP J 90 11.85 -35.47 -27.87
CA SER J 91 13.16 -35.73 -24.30
CA SER J 92 16.13 -37.24 -26.11
CA HIS J 93 19.45 -35.38 -26.09
CA PRO J 94 20.73 -34.95 -29.69
CA LEU J 97 17.26 -34.80 -31.33
CA THR J 98 16.60 -37.26 -34.22
CA PHE J 99 14.51 -38.23 -37.25
CA GLY J 100 12.76 -41.14 -38.89
CA ALA J 101 14.16 -43.17 -41.78
CA GLY J 102 11.45 -42.48 -44.34
CA THR J 103 8.23 -44.31 -45.27
CA LYS J 104 7.61 -43.83 -49.02
CA LEU J 105 3.91 -44.03 -49.82
CA GLU J 106 3.04 -44.34 -53.52
CA LEU J 107 -0.32 -44.61 -55.34
CA LYS J 108 -1.23 -48.05 -56.69
CA ARG J 109 -3.63 -46.52 -59.20
CA ALA J 110 0.17 -44.32 -64.35
CA ASP J 111 2.87 -46.52 -65.88
CA ALA J 112 5.27 -45.92 -68.73
CA ALA J 113 7.63 -47.96 -70.85
CA PRO J 114 11.43 -47.49 -70.60
CA THR J 115 12.21 -46.21 -74.12
CA VAL J 116 15.61 -47.98 -73.76
CA SER J 117 18.55 -47.01 -75.98
CA ILE J 118 22.30 -47.75 -76.33
CA PHE J 119 25.15 -45.88 -78.07
CA PRO J 120 28.54 -46.09 -79.97
CA PRO J 121 31.98 -45.87 -78.29
CA SER J 122 34.33 -42.95 -79.08
CA SER J 123 37.26 -42.21 -81.40
CA GLU J 124 38.80 -40.22 -78.56
CA GLN J 125 38.27 -43.32 -76.38
CA LEU J 126 39.77 -45.73 -78.90
CA THR J 127 42.81 -43.68 -79.89
CA SER J 128 43.78 -43.44 -76.21
CA GLY J 129 42.59 -46.79 -74.89
CA GLY J 130 39.02 -46.77 -73.60
CA ALA J 131 35.66 -48.53 -73.31
CA SER J 132 32.27 -47.32 -72.07
CA VAL J 133 28.85 -48.14 -73.52
CA VAL J 134 26.09 -45.50 -73.38
CA CYS J 135 22.59 -46.86 -72.77
CA PHE J 136 19.79 -44.33 -72.13
CA LEU J 137 16.72 -45.75 -70.33
CA ASN J 138 14.49 -42.69 -69.98
CA ASN J 139 10.83 -41.82 -69.39
CA PHE J 140 9.57 -44.65 -67.19
CA TYR J 141 7.32 -45.17 -64.17
CA PRO J 142 7.92 -46.80 -61.62
CA LYS J 143 11.14 -45.11 -60.49
CA ASP J 144 12.48 -48.59 -59.81
CA ILE J 145 14.04 -50.84 -62.43
CA ASN J 146 16.97 -53.28 -62.60
CA VAL J 147 19.08 -52.57 -65.71
CA LYS J 148 22.29 -54.65 -66.09
CA TRP J 149 24.98 -55.81 -68.56
CA LYS J 150 26.04 -59.30 -69.61
CA ILE J 151 28.62 -59.10 -72.41
CA ASP J 152 28.62 -62.56 -73.98
CA GLY J 153 26.70 -63.69 -70.90
CA SER J 154 26.87 -63.90 -67.09
CA GLU J 155 26.60 -60.71 -65.00
CA ARG J 156 29.80 -59.15 -63.68
CA GLN J 157 30.25 -57.70 -60.20
CA ASN J 158 32.52 -54.61 -60.12
CA GLY J 159 31.89 -51.75 -62.56
CA VAL J 160 28.31 -50.46 -62.36
CA LEU J 161 27.49 -46.75 -62.97
CA ASN J 162 24.00 -45.59 -62.02
CA SER J 163 22.69 -42.12 -62.78
CA TRP J 164 19.19 -42.14 -61.26
CA THR J 165 17.61 -38.80 -62.37
CA ASP J 166 14.60 -36.93 -60.98
CA GLN J 167 10.86 -36.81 -61.93
CA ASP J 168 10.14 -34.57 -64.92
CA SER J 169 7.59 -31.82 -64.36
CA LYS J 170 6.12 -32.07 -67.85
CA ASP J 171 4.85 -35.67 -67.87
CA SER J 172 6.38 -36.83 -64.58
CA THR J 173 8.66 -39.63 -65.77
CA TYR J 174 12.10 -40.91 -64.85
CA SER J 175 14.90 -40.72 -67.40
CA MET J 176 17.73 -43.07 -66.32
CA SER J 177 21.37 -43.79 -67.26
CA SER J 178 24.07 -46.36 -66.37
CA THR J 179 27.51 -47.29 -67.73
CA LEU J 180 30.64 -49.51 -67.65
CA THR J 181 34.37 -49.21 -68.40
CA LEU J 182 37.50 -51.34 -68.15
CA THR J 183 40.80 -52.45 -69.74
CA LYS J 184 41.23 -53.11 -73.47
CA ASP J 185 41.90 -56.78 -72.76
CA GLU J 186 38.30 -57.42 -71.66
CA TYR J 187 36.65 -55.18 -74.30
CA GLU J 188 38.03 -55.37 -77.82
CA ARG J 189 38.68 -59.06 -77.18
CA HIS J 190 35.16 -60.46 -76.75
CA ASN J 191 32.14 -60.80 -79.02
CA SER J 192 28.86 -59.27 -77.70
CA TYR J 193 27.73 -56.69 -75.11
CA THR J 194 24.54 -56.39 -73.06
CA CYS J 195 22.05 -53.68 -71.87
CA GLU J 196 18.84 -55.25 -70.46
CA ALA J 197 16.14 -54.19 -67.95
CA THR J 198 14.21 -56.12 -65.28
CA HIS J 199 11.29 -53.66 -64.94
CA LYS J 200 7.61 -54.36 -64.17
CA THR J 201 5.88 -53.45 -67.41
CA SER J 202 7.01 -56.75 -68.98
CA THR J 203 7.35 -60.43 -68.02
CA SER J 204 10.82 -61.56 -69.01
CA PRO J 205 13.83 -59.11 -69.08
CA ILE J 206 13.86 -56.47 -71.80
CA VAL J 207 17.39 -56.51 -73.28
CA LYS J 208 18.91 -54.35 -75.99
CA SER J 209 22.59 -54.45 -76.91
CA PHE J 210 25.30 -54.96 -79.51
CA ASN J 211 28.50 -56.98 -79.92
CA ARG J 212 32.09 -55.94 -80.63
CA ASN J 213 32.08 -57.53 -84.10
CA GLU J 214 30.15 -54.95 -86.16
CA CYS J 215 31.30 -51.56 -84.83
#